data_9DOD
#
_entry.id   9DOD
#
_cell.length_a   102.567
_cell.length_b   139.202
_cell.length_c   178.548
_cell.angle_alpha   90.000
_cell.angle_beta   90.000
_cell.angle_gamma   90.000
#
_symmetry.space_group_name_H-M   'I 2 2 2'
#
loop_
_entity.id
_entity.type
_entity.pdbx_description
1 polymer 'Protein arginine N-methyltransferase 5'
2 polymer 'Methylosome protein WDR77'
3 non-polymer 7-[(3xi,5R)-5-C-(3,4-dichlorophenyl)-3-C-methyl-beta-D-ribofuranosyl]-7H-pyrrolo[2,3-d]pyrimidin-4-amine
4 non-polymer 1,2-ETHANEDIOL
5 water water
#
loop_
_entity_poly.entity_id
_entity_poly.type
_entity_poly.pdbx_seq_one_letter_code
_entity_poly.pdbx_strand_id
1 'polypeptide(L)'
;AAMAVGGAGGSRVSSGRDLNCVPEIADTLGAVAKQGFDFLCMPVFHPRFKREFIQEPAKNRPGPQTRSDLLLSGRDWNTL
IVGKLSPWIRPDSKVEKIRRNSEAAMLQELNFGAYLGLPAFLLPLNQEDNTNLARVLTNHIHTGHHSSMFWMRVPLVAPE
DLRDDIIENAPTTHTEEYSGEEKTWMWWHNFRTLCDYSKRIAVALEIGADLPSNHVIDRWLGEPIKAAILPTSIFLTNKK
GFPVLSKMHQRLIFRLLKLEVQFIITGTNHHSEKEFCSYLQYLEYLSQNRPPPNAYELFAKGYEDYLQSPLQPLMDNLES
QTYEVFEKDPIKYSQYQQAIYKCLLDRVPEEEKDTNVQVLMVLGAGRGPLVNASLRAAKQADRRIKLYAVEKNPNAVVTL
ENWQFEEWGSQVTVVSSDMREWVAPEKADIIVSELLGSFADNELSPECLDGAQHFLKDDGVSIPGEYTSFLAPISSSKLY
NEVRACREKDRDPEAQFEMPYVVRLHNFHQLSAPQPCFTFSHPNRDPMIDNNRYCTLEFPVEVNTVLHGFAGYFETVLYQ
DITLSIRPETHSPGMFSWFPILFPIKQPITVREGQTICVRFWRCSNSKKVWYEWAVTAPVCSAIHNPTGRSYTIGL
;
A
2 'polypeptide(L)'
;RKETPPPLVPPAAREWNLPPNAPACMERQLEAARYRSDGALLLGASSLSGRCWAGSLWLFKDPCAAPNEGFCSAGVQTEA
GVADLTWVGERGILVASDSGAVELWELDENETLIVSKFCKYEHDDIVSTVSVLSSGTQAVSGSKDICIKVWDLAQQVVLS
SYRAHAAQVTCVAASPHKDSVFLSCSEDNRILLWDTRCPKPASQIGCSAPGYLPTSLAWHPQQSEVFVFGDENGTVSLVD
TKSTSCVLSSAVHSQCVTGLVFSPHSVPFLASLSEDCSLAVLDSSLSELFRSQAHRDFVRDATWSPLNHSLLTTVGWDHQ
VVHHVVPTEPLPAPGPASVTE
;
B
#
loop_
_chem_comp.id
_chem_comp.type
_chem_comp.name
_chem_comp.formula
A1A79 non-polymer 7-[(3xi,5R)-5-C-(3,4-dichlorophenyl)-3-C-methyl-beta-D-ribofuranosyl]-7H-pyrrolo[2,3-d]pyrimidin-4-amine 'C18 H18 Cl2 N4 O4'
EDO non-polymer 1,2-ETHANEDIOL 'C2 H6 O2'
#
# COMPACT_ATOMS: atom_id res chain seq x y z
N SER A 11 -1.12 5.77 -21.24
CA SER A 11 -0.82 6.87 -20.27
C SER A 11 0.55 6.63 -19.60
N ARG A 12 1.38 7.66 -19.51
CA ARG A 12 2.68 7.63 -18.79
C ARG A 12 2.42 7.39 -17.30
N VAL A 13 3.45 6.99 -16.54
CA VAL A 13 3.31 6.61 -15.09
C VAL A 13 2.98 7.87 -14.27
N SER A 14 2.02 7.75 -13.34
CA SER A 14 1.71 8.78 -12.33
C SER A 14 2.66 8.59 -11.14
N SER A 15 3.33 9.67 -10.73
CA SER A 15 4.44 9.64 -9.74
C SER A 15 4.35 10.85 -8.81
N GLY A 16 4.54 10.60 -7.51
CA GLY A 16 4.57 11.64 -6.46
C GLY A 16 5.89 11.63 -5.71
N ARG A 17 6.21 12.74 -5.05
CA ARG A 17 7.41 12.90 -4.19
C ARG A 17 6.96 12.80 -2.73
N ASP A 18 7.70 12.06 -1.91
CA ASP A 18 7.46 11.95 -0.45
C ASP A 18 8.56 12.72 0.30
N LEU A 19 8.18 13.79 1.00
CA LEU A 19 9.06 14.57 1.90
C LEU A 19 8.48 14.52 3.31
N ASN A 20 9.33 14.57 4.34
CA ASN A 20 8.90 14.78 5.74
C ASN A 20 9.43 16.15 6.20
N CYS A 21 9.75 17.04 5.26
CA CYS A 21 10.30 18.39 5.52
C CYS A 21 9.93 19.36 4.39
N VAL A 22 9.10 20.37 4.71
CA VAL A 22 8.61 21.42 3.77
C VAL A 22 8.69 22.77 4.49
N PRO A 23 9.79 23.54 4.31
CA PRO A 23 9.92 24.87 4.93
C PRO A 23 8.89 25.86 4.39
N GLU A 24 8.74 25.91 3.06
CA GLU A 24 7.73 26.74 2.33
C GLU A 24 6.97 25.81 1.38
N ILE A 25 5.63 25.79 1.46
CA ILE A 25 4.77 24.94 0.57
C ILE A 25 4.97 25.39 -0.88
N ALA A 26 4.81 26.69 -1.15
CA ALA A 26 4.86 27.32 -2.48
C ALA A 26 6.11 26.85 -3.23
N ASP A 27 7.30 27.07 -2.66
CA ASP A 27 8.62 26.74 -3.27
C ASP A 27 8.74 25.22 -3.45
N THR A 28 8.44 24.46 -2.38
CA THR A 28 8.55 22.98 -2.34
C THR A 28 7.72 22.37 -3.47
N LEU A 29 6.45 22.77 -3.58
CA LEU A 29 5.52 22.27 -4.62
C LEU A 29 6.09 22.62 -6.01
N GLY A 30 6.58 23.85 -6.17
CA GLY A 30 7.19 24.34 -7.43
C GLY A 30 8.42 23.52 -7.82
N ALA A 31 9.37 23.37 -6.89
CA ALA A 31 10.58 22.52 -7.06
C ALA A 31 10.16 21.12 -7.50
N VAL A 32 9.21 20.53 -6.77
CA VAL A 32 8.70 19.13 -6.96
C VAL A 32 8.01 19.03 -8.33
N ALA A 33 7.13 19.98 -8.66
CA ALA A 33 6.46 20.09 -9.97
C ALA A 33 7.52 20.18 -11.07
N LYS A 34 8.55 21.02 -10.87
CA LYS A 34 9.65 21.26 -11.85
C LYS A 34 10.42 19.95 -12.08
N GLN A 35 10.54 19.10 -11.06
CA GLN A 35 11.26 17.80 -11.13
C GLN A 35 10.43 16.79 -11.95
N GLY A 36 9.12 17.00 -12.08
CA GLY A 36 8.23 16.23 -12.97
C GLY A 36 7.19 15.38 -12.24
N PHE A 37 7.04 15.56 -10.93
CA PHE A 37 6.09 14.79 -10.08
C PHE A 37 4.66 15.27 -10.29
N ASP A 38 3.70 14.35 -10.28
CA ASP A 38 2.25 14.61 -10.43
C ASP A 38 1.67 15.16 -9.12
N PHE A 39 2.28 14.82 -7.97
CA PHE A 39 1.78 15.23 -6.63
C PHE A 39 2.88 15.14 -5.56
N LEU A 40 2.58 15.67 -4.38
CA LEU A 40 3.49 15.75 -3.22
C LEU A 40 2.82 15.13 -1.98
N CYS A 41 3.48 14.18 -1.31
CA CYS A 41 3.12 13.70 0.04
C CYS A 41 3.92 14.50 1.08
N MET A 42 3.25 15.18 2.00
CA MET A 42 3.90 16.10 2.97
C MET A 42 3.09 16.19 4.25
N PRO A 43 3.70 16.57 5.39
CA PRO A 43 2.95 16.81 6.62
C PRO A 43 1.99 17.99 6.44
N VAL A 44 0.90 17.98 7.19
CA VAL A 44 -0.11 19.09 7.22
C VAL A 44 0.05 19.86 8.54
N PHE A 45 0.66 19.21 9.54
CA PHE A 45 1.25 19.81 10.77
C PHE A 45 2.74 19.45 10.78
N HIS A 46 3.59 20.23 11.46
CA HIS A 46 5.05 19.98 11.51
C HIS A 46 5.32 18.67 12.24
N PRO A 47 6.05 17.71 11.62
CA PRO A 47 6.22 16.37 12.18
C PRO A 47 6.70 16.30 13.64
N ARG A 48 7.43 17.32 14.10
CA ARG A 48 8.05 17.36 15.46
C ARG A 48 7.18 18.16 16.44
N PHE A 49 6.05 18.72 15.97
CA PHE A 49 5.18 19.62 16.78
C PHE A 49 4.19 18.80 17.61
N LYS A 50 4.69 18.01 18.58
CA LYS A 50 3.84 17.28 19.56
C LYS A 50 2.90 18.30 20.23
N ARG A 51 1.63 17.93 20.41
CA ARG A 51 0.58 18.81 20.99
C ARG A 51 -0.08 18.10 22.17
N GLU A 52 -0.42 18.86 23.21
CA GLU A 52 -1.14 18.37 24.42
C GLU A 52 -2.60 18.84 24.31
N PHE A 53 -3.54 17.95 24.65
CA PHE A 53 -5.01 18.18 24.53
C PHE A 53 -5.67 18.16 25.91
N ILE A 54 -4.99 17.67 26.96
CA ILE A 54 -5.59 17.50 28.32
C ILE A 54 -4.83 18.39 29.33
N GLN A 55 -3.55 18.11 29.59
CA GLN A 55 -2.79 18.64 30.76
C GLN A 55 -2.32 20.07 30.51
N GLU A 56 -2.64 20.98 31.45
CA GLU A 56 -2.12 22.37 31.49
C GLU A 56 -0.70 22.32 32.04
N PRO A 57 0.22 23.23 31.64
CA PRO A 57 -0.08 24.34 30.74
C PRO A 57 0.06 24.06 29.22
N ALA A 58 0.73 22.98 28.85
CA ALA A 58 1.01 22.58 27.43
C ALA A 58 -0.27 22.64 26.58
N LYS A 59 -1.42 22.27 27.16
CA LYS A 59 -2.75 22.27 26.51
C LYS A 59 -3.02 23.61 25.82
N ASN A 60 -2.72 24.72 26.50
CA ASN A 60 -3.13 26.10 26.10
C ASN A 60 -2.04 26.77 25.27
N ARG A 61 -1.10 25.99 24.72
CA ARG A 61 -0.07 26.52 23.78
C ARG A 61 -0.75 27.49 22.83
N PRO A 62 -0.38 28.79 22.84
CA PRO A 62 -0.99 29.77 21.93
C PRO A 62 -0.65 29.54 20.46
N GLY A 63 -1.03 30.50 19.60
CA GLY A 63 -0.55 30.63 18.22
C GLY A 63 -1.24 29.64 17.28
N PRO A 64 -1.05 29.77 15.95
CA PRO A 64 -1.63 28.83 14.98
C PRO A 64 -1.06 27.41 15.13
N GLN A 65 -1.94 26.41 15.10
CA GLN A 65 -1.58 24.97 15.27
C GLN A 65 -0.87 24.46 14.02
N THR A 66 -1.07 25.10 12.86
CA THR A 66 -0.33 24.80 11.60
C THR A 66 -0.43 25.99 10.65
N ARG A 67 -0.02 25.80 9.39
CA ARG A 67 -0.03 26.84 8.33
C ARG A 67 -1.41 26.90 7.66
N SER A 68 -1.72 28.08 7.10
CA SER A 68 -3.05 28.46 6.56
C SER A 68 -3.36 27.70 5.27
N ASP A 69 -4.65 27.44 5.01
CA ASP A 69 -5.18 26.86 3.75
C ASP A 69 -5.04 27.87 2.60
N LEU A 70 -4.87 29.16 2.91
CA LEU A 70 -4.78 30.24 1.89
C LEU A 70 -3.44 30.16 1.13
N LEU A 71 -2.50 29.30 1.55
CA LEU A 71 -1.16 29.16 0.93
C LEU A 71 -1.25 28.44 -0.42
N LEU A 72 -2.32 27.69 -0.68
CA LEU A 72 -2.58 27.04 -1.99
C LEU A 72 -4.02 27.33 -2.43
N SER A 73 -4.26 27.30 -3.74
CA SER A 73 -5.62 27.22 -4.33
C SER A 73 -6.31 25.95 -3.82
N GLY A 74 -7.63 25.97 -3.68
CA GLY A 74 -8.45 24.77 -3.50
C GLY A 74 -8.06 23.71 -4.51
N ARG A 75 -7.92 24.10 -5.77
CA ARG A 75 -7.53 23.20 -6.90
C ARG A 75 -6.27 22.42 -6.52
N ASP A 76 -5.21 23.10 -6.09
CA ASP A 76 -3.90 22.48 -5.74
C ASP A 76 -4.10 21.48 -4.60
N TRP A 77 -4.77 21.90 -3.52
CA TRP A 77 -5.07 21.05 -2.34
C TRP A 77 -5.74 19.74 -2.80
N ASN A 78 -6.77 19.85 -3.65
CA ASN A 78 -7.63 18.72 -4.09
C ASN A 78 -6.86 17.69 -4.91
N THR A 79 -5.77 18.09 -5.60
CA THR A 79 -5.16 17.26 -6.67
C THR A 79 -3.67 17.00 -6.44
N LEU A 80 -2.92 17.95 -5.87
CA LEU A 80 -1.43 17.90 -5.80
C LEU A 80 -0.93 17.39 -4.45
N ILE A 81 -1.75 17.40 -3.41
CA ILE A 81 -1.29 17.20 -2.00
C ILE A 81 -1.88 15.93 -1.40
N VAL A 82 -1.02 14.97 -1.04
CA VAL A 82 -1.36 13.81 -0.16
C VAL A 82 -0.86 14.12 1.25
N GLY A 83 -1.77 14.14 2.25
CA GLY A 83 -1.42 14.37 3.66
C GLY A 83 -0.69 13.19 4.27
N LYS A 84 0.03 13.42 5.37
CA LYS A 84 0.79 12.40 6.13
C LYS A 84 0.49 12.56 7.62
N LEU A 85 0.09 11.48 8.29
CA LEU A 85 -0.06 11.47 9.76
C LEU A 85 1.30 11.84 10.38
N SER A 86 1.32 12.73 11.36
CA SER A 86 2.54 13.07 12.14
C SER A 86 3.04 11.79 12.80
N PRO A 87 4.37 11.53 12.78
CA PRO A 87 4.90 10.22 13.17
C PRO A 87 4.94 9.97 14.68
N TRP A 88 4.72 11.01 15.50
CA TRP A 88 4.62 10.92 16.98
C TRP A 88 3.25 10.37 17.39
N ILE A 89 2.25 10.44 16.49
CA ILE A 89 0.85 9.99 16.78
C ILE A 89 0.86 8.46 16.82
N ARG A 90 0.68 7.88 18.02
CA ARG A 90 0.73 6.42 18.26
C ARG A 90 -0.49 6.00 19.08
N PRO A 91 -1.65 5.79 18.43
CA PRO A 91 -2.89 5.47 19.14
C PRO A 91 -2.85 4.14 19.91
N ASP A 92 -1.89 3.26 19.59
CA ASP A 92 -1.76 1.93 20.23
C ASP A 92 -0.51 1.88 21.11
N SER A 93 -0.09 3.03 21.65
CA SER A 93 0.94 3.13 22.72
C SER A 93 0.44 2.40 23.99
N LYS A 94 1.38 1.90 24.79
CA LYS A 94 1.14 1.19 26.07
C LYS A 94 0.93 2.23 27.18
N VAL A 95 1.20 3.51 26.89
CA VAL A 95 1.06 4.66 27.84
C VAL A 95 -0.28 5.35 27.55
N GLU A 96 -1.19 5.36 28.53
CA GLU A 96 -2.58 5.91 28.38
C GLU A 96 -2.51 7.37 27.88
N LYS A 97 -1.71 8.21 28.52
CA LYS A 97 -1.60 9.66 28.20
C LYS A 97 -1.24 9.81 26.71
N ILE A 98 -0.41 8.90 26.18
CA ILE A 98 0.07 8.96 24.78
C ILE A 98 -1.07 8.50 23.85
N ARG A 99 -1.84 7.47 24.24
CA ARG A 99 -3.01 7.00 23.46
C ARG A 99 -4.01 8.16 23.32
N ARG A 100 -4.41 8.79 24.43
CA ARG A 100 -5.45 9.85 24.46
C ARG A 100 -4.99 11.04 23.62
N ASN A 101 -3.73 11.45 23.71
CA ASN A 101 -3.17 12.58 22.90
C ASN A 101 -3.14 12.20 21.42
N SER A 102 -2.71 10.97 21.10
CA SER A 102 -2.58 10.48 19.70
C SER A 102 -3.97 10.32 19.07
N GLU A 103 -4.97 9.92 19.86
CA GLU A 103 -6.40 9.90 19.44
C GLU A 103 -6.77 11.30 18.95
N ALA A 104 -6.80 12.29 19.86
CA ALA A 104 -7.13 13.71 19.57
C ALA A 104 -6.34 14.23 18.35
N ALA A 105 -5.03 13.95 18.30
CA ALA A 105 -4.10 14.47 17.29
C ALA A 105 -4.41 13.86 15.91
N MET A 106 -4.74 12.57 15.89
CA MET A 106 -5.11 11.84 14.65
C MET A 106 -6.40 12.43 14.07
N LEU A 107 -7.44 12.58 14.91
CA LEU A 107 -8.73 13.20 14.51
C LEU A 107 -8.47 14.61 13.99
N GLN A 108 -7.71 15.40 14.74
CA GLN A 108 -7.31 16.77 14.39
C GLN A 108 -6.73 16.78 12.97
N GLU A 109 -5.69 15.99 12.74
CA GLU A 109 -4.94 15.97 11.45
C GLU A 109 -5.84 15.42 10.35
N LEU A 110 -6.61 14.36 10.64
CA LEU A 110 -7.56 13.74 9.67
C LEU A 110 -8.67 14.75 9.33
N ASN A 111 -9.17 15.48 10.32
CA ASN A 111 -10.22 16.52 10.13
C ASN A 111 -9.67 17.66 9.27
N PHE A 112 -8.41 18.06 9.47
CA PHE A 112 -7.76 19.12 8.66
C PHE A 112 -7.61 18.63 7.21
N GLY A 113 -7.25 17.36 7.01
CA GLY A 113 -7.15 16.76 5.67
C GLY A 113 -8.46 16.93 4.91
N ALA A 114 -9.57 16.63 5.57
CA ALA A 114 -10.94 16.72 5.02
C ALA A 114 -11.28 18.19 4.73
N TYR A 115 -10.93 19.10 5.65
CA TYR A 115 -11.14 20.56 5.54
C TYR A 115 -10.44 21.08 4.27
N LEU A 116 -9.22 20.58 4.00
CA LEU A 116 -8.41 20.97 2.82
C LEU A 116 -8.95 20.27 1.57
N GLY A 117 -9.76 19.22 1.72
CA GLY A 117 -10.29 18.41 0.61
C GLY A 117 -9.19 17.60 -0.06
N LEU A 118 -8.21 17.13 0.71
CA LEU A 118 -7.07 16.31 0.18
C LEU A 118 -7.65 15.04 -0.44
N PRO A 119 -7.10 14.61 -1.60
CA PRO A 119 -7.60 13.42 -2.29
C PRO A 119 -7.19 12.11 -1.62
N ALA A 120 -6.04 12.13 -0.92
CA ALA A 120 -5.50 10.97 -0.17
C ALA A 120 -4.76 11.47 1.07
N PHE A 121 -4.51 10.56 2.01
CA PHE A 121 -3.87 10.84 3.32
C PHE A 121 -3.22 9.54 3.79
N LEU A 122 -1.92 9.60 4.12
CA LEU A 122 -1.07 8.43 4.41
C LEU A 122 -1.07 8.15 5.92
N LEU A 123 -1.32 6.89 6.31
CA LEU A 123 -1.17 6.39 7.70
C LEU A 123 -0.29 5.14 7.66
N PRO A 124 0.67 4.98 8.60
CA PRO A 124 1.52 3.79 8.62
C PRO A 124 0.91 2.60 9.37
N LEU A 125 1.14 1.40 8.84
CA LEU A 125 1.12 0.11 9.59
C LEU A 125 2.57 -0.33 9.77
N ASN A 126 3.16 -0.04 10.94
CA ASN A 126 4.60 -0.28 11.23
C ASN A 126 4.75 -1.21 12.43
N GLN A 127 3.64 -1.77 12.92
CA GLN A 127 3.64 -2.78 14.02
C GLN A 127 2.43 -3.71 13.83
N GLU A 128 2.26 -4.71 14.69
CA GLU A 128 1.21 -5.75 14.57
C GLU A 128 -0.13 -5.23 15.12
N ASP A 129 -0.12 -4.45 16.21
CA ASP A 129 -1.36 -3.98 16.87
C ASP A 129 -1.66 -2.54 16.43
N ASN A 130 -2.68 -2.37 15.58
CA ASN A 130 -3.18 -1.05 15.12
C ASN A 130 -4.68 -0.98 15.41
N THR A 131 -5.13 -1.69 16.45
CA THR A 131 -6.56 -1.85 16.79
C THR A 131 -7.17 -0.47 17.09
N ASN A 132 -6.50 0.33 17.90
CA ASN A 132 -7.00 1.68 18.27
C ASN A 132 -6.89 2.61 17.06
N LEU A 133 -5.81 2.52 16.28
CA LEU A 133 -5.61 3.32 15.04
C LEU A 133 -6.80 3.11 14.11
N ALA A 134 -7.18 1.84 13.88
CA ALA A 134 -8.33 1.41 13.06
C ALA A 134 -9.63 1.99 13.64
N ARG A 135 -9.83 1.91 14.95
CA ARG A 135 -11.08 2.40 15.58
C ARG A 135 -11.22 3.90 15.26
N VAL A 136 -10.16 4.68 15.45
CA VAL A 136 -10.17 6.15 15.23
C VAL A 136 -10.39 6.43 13.74
N LEU A 137 -9.69 5.73 12.84
CA LEU A 137 -9.89 5.94 11.37
C LEU A 137 -11.34 5.60 11.02
N THR A 138 -11.85 4.43 11.46
CA THR A 138 -13.24 3.99 11.21
C THR A 138 -14.20 5.09 11.68
N ASN A 139 -14.00 5.62 12.88
CA ASN A 139 -14.87 6.68 13.45
C ASN A 139 -14.82 7.90 12.53
N HIS A 140 -13.64 8.24 12.00
CA HIS A 140 -13.45 9.39 11.07
C HIS A 140 -14.22 9.15 9.76
N ILE A 141 -14.10 7.94 9.20
CA ILE A 141 -14.78 7.55 7.93
C ILE A 141 -16.31 7.71 8.09
N HIS A 142 -16.84 7.38 9.28
CA HIS A 142 -18.30 7.40 9.59
C HIS A 142 -18.72 8.74 10.19
N THR A 143 -17.95 9.81 9.93
CA THR A 143 -18.25 11.22 10.36
C THR A 143 -18.24 12.12 9.12
N GLY A 144 -19.36 12.14 8.38
CA GLY A 144 -19.49 12.80 7.07
C GLY A 144 -19.53 11.77 5.94
N HIS A 145 -19.94 12.17 4.75
CA HIS A 145 -20.02 11.32 3.53
C HIS A 145 -18.95 11.77 2.53
N HIS A 146 -17.67 11.69 2.91
CA HIS A 146 -16.49 12.04 2.07
C HIS A 146 -16.03 10.79 1.30
N SER A 147 -15.35 10.99 0.16
CA SER A 147 -14.83 9.94 -0.74
C SER A 147 -13.29 9.89 -0.71
N SER A 148 -12.65 10.81 0.04
CA SER A 148 -11.19 10.90 0.28
C SER A 148 -10.60 9.51 0.59
N MET A 149 -9.45 9.19 0.02
CA MET A 149 -8.78 7.86 0.17
C MET A 149 -7.79 7.88 1.34
N PHE A 150 -7.59 6.71 1.95
CA PHE A 150 -6.59 6.47 3.03
C PHE A 150 -5.60 5.41 2.53
N TRP A 151 -4.34 5.82 2.38
CA TRP A 151 -3.21 4.98 1.92
C TRP A 151 -2.46 4.48 3.15
N MET A 152 -2.61 3.19 3.47
CA MET A 152 -1.91 2.52 4.60
C MET A 152 -0.49 2.20 4.13
N ARG A 153 0.49 2.98 4.61
CA ARG A 153 1.94 2.80 4.35
C ARG A 153 2.38 1.55 5.12
N VAL A 154 2.54 0.42 4.40
CA VAL A 154 2.93 -0.89 5.00
C VAL A 154 4.05 -1.46 4.14
N PRO A 155 5.13 -1.98 4.76
CA PRO A 155 6.27 -2.53 4.01
C PRO A 155 6.13 -4.01 3.61
N LEU A 156 6.70 -4.39 2.46
CA LEU A 156 6.86 -5.81 2.04
C LEU A 156 7.54 -6.58 3.17
N VAL A 157 8.63 -6.02 3.70
CA VAL A 157 9.45 -6.63 4.79
C VAL A 157 9.39 -5.71 5.99
N ALA A 158 8.92 -6.22 7.13
CA ALA A 158 8.90 -5.52 8.44
C ALA A 158 10.31 -5.00 8.72
N PRO A 159 10.47 -3.77 9.29
CA PRO A 159 11.79 -3.20 9.52
C PRO A 159 12.69 -4.10 10.38
N GLU A 160 12.09 -4.76 11.39
CA GLU A 160 12.74 -5.74 12.29
C GLU A 160 13.36 -6.90 11.49
N ASP A 161 12.79 -7.25 10.34
CA ASP A 161 13.22 -8.41 9.52
C ASP A 161 14.21 -7.98 8.43
N LEU A 162 14.58 -6.70 8.35
CA LEU A 162 15.63 -6.22 7.40
C LEU A 162 16.68 -5.36 8.11
N ARG A 163 16.75 -5.41 9.45
CA ARG A 163 17.80 -4.71 10.23
C ARG A 163 19.14 -5.40 9.98
N ASP A 164 20.20 -4.63 9.75
CA ASP A 164 21.61 -5.13 9.67
C ASP A 164 21.85 -6.06 10.87
N ASP A 165 22.57 -7.15 10.64
CA ASP A 165 22.88 -8.18 11.68
C ASP A 165 24.13 -7.74 12.47
N ILE A 166 23.99 -6.70 13.30
CA ILE A 166 25.14 -5.99 13.95
C ILE A 166 24.92 -5.85 15.45
N ILE A 167 23.90 -6.50 16.01
CA ILE A 167 23.76 -6.65 17.49
C ILE A 167 24.32 -8.02 17.86
N GLU A 168 25.53 -8.03 18.43
CA GLU A 168 26.32 -9.25 18.76
C GLU A 168 25.48 -10.23 19.60
N ASN A 169 24.66 -9.71 20.54
CA ASN A 169 23.90 -10.54 21.52
C ASN A 169 22.40 -10.61 21.13
N ALA A 170 22.07 -10.31 19.88
CA ALA A 170 20.69 -10.37 19.33
C ALA A 170 20.77 -10.58 17.82
N PRO A 171 21.15 -11.80 17.35
CA PRO A 171 21.38 -12.05 15.93
C PRO A 171 20.07 -12.13 15.13
N THR A 172 20.14 -11.86 13.83
CA THR A 172 19.02 -12.01 12.86
C THR A 172 18.82 -13.50 12.57
N THR A 173 17.62 -14.02 12.79
CA THR A 173 17.26 -15.46 12.63
C THR A 173 17.50 -15.86 11.16
N HIS A 174 18.31 -16.91 10.94
CA HIS A 174 18.65 -17.47 9.61
C HIS A 174 17.65 -18.59 9.26
N THR A 175 16.84 -19.03 10.23
CA THR A 175 15.68 -19.95 10.04
C THR A 175 14.72 -19.34 9.03
N GLU A 176 14.27 -20.13 8.04
CA GLU A 176 13.17 -19.72 7.12
C GLU A 176 11.86 -19.76 7.91
N GLU A 177 11.08 -18.66 7.85
CA GLU A 177 9.75 -18.53 8.49
C GLU A 177 8.73 -18.14 7.42
N TYR A 178 8.09 -19.14 6.79
CA TYR A 178 7.12 -18.96 5.68
C TYR A 178 6.03 -17.97 6.12
N SER A 179 5.41 -18.21 7.28
CA SER A 179 4.34 -17.36 7.86
C SER A 179 4.92 -16.05 8.41
N GLY A 180 6.04 -16.12 9.13
CA GLY A 180 6.73 -14.95 9.70
C GLY A 180 7.10 -13.91 8.66
N GLU A 181 7.54 -14.34 7.48
CA GLU A 181 7.99 -13.46 6.37
C GLU A 181 6.78 -12.77 5.70
N GLU A 182 5.57 -13.27 5.95
CA GLU A 182 4.28 -12.73 5.42
C GLU A 182 3.61 -11.81 6.44
N LYS A 183 4.23 -11.56 7.60
CA LYS A 183 3.55 -10.95 8.78
C LYS A 183 2.92 -9.60 8.43
N THR A 184 3.54 -8.80 7.55
CA THR A 184 3.10 -7.43 7.21
C THR A 184 1.78 -7.48 6.42
N TRP A 185 1.57 -8.54 5.64
CA TRP A 185 0.25 -8.77 5.01
C TRP A 185 -0.80 -8.90 6.13
N MET A 186 -0.51 -9.67 7.18
CA MET A 186 -1.46 -9.91 8.29
C MET A 186 -1.74 -8.58 9.01
N TRP A 187 -0.72 -7.72 9.17
CA TRP A 187 -0.87 -6.34 9.72
C TRP A 187 -2.00 -5.63 8.97
N TRP A 188 -1.92 -5.67 7.63
CA TRP A 188 -2.89 -5.05 6.70
C TRP A 188 -4.25 -5.73 6.82
N HIS A 189 -4.28 -7.06 6.72
CA HIS A 189 -5.52 -7.88 6.74
C HIS A 189 -6.32 -7.57 8.00
N ASN A 190 -5.65 -7.60 9.16
CA ASN A 190 -6.29 -7.33 10.47
C ASN A 190 -6.85 -5.90 10.47
N PHE A 191 -6.08 -4.93 10.00
CA PHE A 191 -6.48 -3.49 10.02
C PHE A 191 -7.72 -3.29 9.14
N ARG A 192 -7.72 -3.80 7.90
CA ARG A 192 -8.84 -3.59 6.94
C ARG A 192 -10.05 -4.42 7.36
N THR A 193 -9.86 -5.56 8.04
CA THR A 193 -10.96 -6.38 8.61
C THR A 193 -11.65 -5.58 9.72
N LEU A 194 -10.88 -4.99 10.64
CA LEU A 194 -11.40 -4.17 11.76
C LEU A 194 -12.21 -2.98 11.21
N CYS A 195 -11.76 -2.39 10.10
CA CYS A 195 -12.40 -1.21 9.45
C CYS A 195 -13.52 -1.65 8.49
N ASP A 196 -13.85 -2.95 8.49
CA ASP A 196 -14.93 -3.60 7.70
C ASP A 196 -14.80 -3.23 6.23
N TYR A 197 -13.61 -3.45 5.66
CA TYR A 197 -13.33 -3.43 4.20
C TYR A 197 -13.75 -2.10 3.57
N SER A 198 -13.66 -0.97 4.29
CA SER A 198 -13.96 0.37 3.73
C SER A 198 -13.27 0.49 2.37
N LYS A 199 -14.02 0.87 1.34
CA LYS A 199 -13.49 1.09 -0.04
C LYS A 199 -12.53 2.29 -0.04
N ARG A 200 -12.51 3.07 1.03
CA ARG A 200 -11.66 4.30 1.17
C ARG A 200 -10.29 3.96 1.72
N ILE A 201 -10.07 2.72 2.16
CA ILE A 201 -8.80 2.25 2.79
C ILE A 201 -8.08 1.33 1.79
N ALA A 202 -6.95 1.79 1.26
CA ALA A 202 -6.12 1.06 0.27
C ALA A 202 -4.67 0.98 0.78
N VAL A 203 -3.81 0.28 0.05
CA VAL A 203 -2.39 0.00 0.43
C VAL A 203 -1.45 0.95 -0.32
N ALA A 204 -0.52 1.56 0.40
CA ALA A 204 0.75 2.14 -0.13
C ALA A 204 1.89 1.18 0.26
N LEU A 205 2.27 0.31 -0.66
CA LEU A 205 3.20 -0.82 -0.39
C LEU A 205 4.63 -0.33 -0.52
N GLU A 206 5.36 -0.25 0.61
CA GLU A 206 6.75 0.24 0.66
C GLU A 206 7.71 -0.91 0.29
N ILE A 207 8.47 -0.71 -0.79
CA ILE A 207 9.45 -1.70 -1.35
C ILE A 207 10.82 -1.47 -0.71
N GLY A 208 11.45 -2.54 -0.18
CA GLY A 208 12.77 -2.50 0.46
C GLY A 208 13.90 -2.88 -0.49
N ALA A 209 15.15 -2.77 -0.03
CA ALA A 209 16.39 -3.07 -0.80
C ALA A 209 16.41 -4.55 -1.18
N ASP A 210 16.25 -5.44 -0.21
CA ASP A 210 16.10 -6.91 -0.44
C ASP A 210 14.61 -7.24 -0.48
N LEU A 211 14.13 -7.71 -1.64
CA LEU A 211 12.76 -8.28 -1.78
C LEU A 211 12.69 -9.55 -0.97
N PRO A 212 11.49 -9.92 -0.45
CA PRO A 212 11.30 -11.22 0.19
C PRO A 212 11.07 -12.29 -0.88
N SER A 213 10.83 -13.53 -0.45
CA SER A 213 10.37 -14.66 -1.30
C SER A 213 9.15 -14.22 -2.12
N ASN A 214 8.90 -14.89 -3.25
CA ASN A 214 7.78 -14.55 -4.17
C ASN A 214 6.44 -14.73 -3.44
N HIS A 215 6.35 -15.73 -2.55
CA HIS A 215 5.11 -16.07 -1.79
C HIS A 215 4.65 -14.83 -1.01
N VAL A 216 5.60 -14.08 -0.44
CA VAL A 216 5.36 -12.84 0.35
C VAL A 216 4.81 -11.74 -0.60
N ILE A 217 5.41 -11.58 -1.78
CA ILE A 217 4.95 -10.61 -2.83
C ILE A 217 3.61 -11.09 -3.38
N ASP A 218 3.39 -12.41 -3.41
CA ASP A 218 2.17 -13.06 -3.96
C ASP A 218 0.99 -12.83 -3.00
N ARG A 219 1.23 -12.64 -1.70
CA ARG A 219 0.17 -12.35 -0.70
C ARG A 219 -0.60 -11.07 -1.09
N TRP A 220 0.08 -10.10 -1.72
CA TRP A 220 -0.46 -8.75 -2.04
C TRP A 220 -1.21 -8.78 -3.38
N LEU A 221 -1.19 -9.91 -4.09
CA LEU A 221 -2.09 -10.16 -5.25
C LEU A 221 -3.54 -10.08 -4.76
N GLY A 222 -4.37 -9.33 -5.50
CA GLY A 222 -5.81 -9.16 -5.20
C GLY A 222 -6.09 -8.03 -4.22
N GLU A 223 -5.06 -7.52 -3.54
CA GLU A 223 -5.20 -6.44 -2.52
C GLU A 223 -5.31 -5.10 -3.22
N PRO A 224 -6.03 -4.12 -2.63
CA PRO A 224 -6.20 -2.81 -3.23
C PRO A 224 -4.95 -1.91 -3.06
N ILE A 225 -3.91 -2.20 -3.85
CA ILE A 225 -2.67 -1.37 -3.89
C ILE A 225 -2.96 -0.17 -4.80
N LYS A 226 -2.96 1.03 -4.22
CA LYS A 226 -3.17 2.30 -4.96
C LYS A 226 -1.81 2.98 -5.20
N ALA A 227 -0.82 2.69 -4.34
CA ALA A 227 0.52 3.33 -4.38
C ALA A 227 1.62 2.31 -4.05
N ALA A 228 2.78 2.47 -4.68
CA ALA A 228 4.04 1.75 -4.37
C ALA A 228 5.12 2.79 -4.03
N ILE A 229 5.76 2.66 -2.87
CA ILE A 229 6.77 3.62 -2.35
C ILE A 229 8.16 3.04 -2.60
N LEU A 230 8.96 3.72 -3.44
CA LEU A 230 10.36 3.36 -3.79
C LEU A 230 11.32 4.31 -3.07
N PRO A 231 12.00 3.89 -1.98
CA PRO A 231 13.04 4.71 -1.37
C PRO A 231 14.22 4.83 -2.33
N THR A 232 14.82 6.02 -2.41
CA THR A 232 16.04 6.30 -3.21
C THR A 232 17.09 5.21 -2.98
N SER A 233 17.25 4.78 -1.71
CA SER A 233 18.31 3.87 -1.23
C SER A 233 18.37 2.56 -2.05
N ILE A 234 17.23 2.03 -2.49
CA ILE A 234 17.12 0.66 -3.07
C ILE A 234 17.59 0.68 -4.54
N PHE A 235 17.73 1.86 -5.14
CA PHE A 235 18.25 2.03 -6.52
C PHE A 235 19.74 1.68 -6.53
N LEU A 236 20.14 0.79 -7.44
CA LEU A 236 21.56 0.51 -7.80
C LEU A 236 22.02 1.63 -8.75
N THR A 237 23.32 1.72 -9.04
CA THR A 237 23.87 2.76 -9.95
C THR A 237 24.43 2.12 -11.23
N ASN A 238 24.01 2.67 -12.38
CA ASN A 238 24.58 2.42 -13.73
C ASN A 238 26.01 2.97 -13.74
N LYS A 239 26.91 2.33 -14.50
CA LYS A 239 28.33 2.74 -14.60
C LYS A 239 28.42 4.20 -15.08
N LYS A 240 27.49 4.63 -15.94
CA LYS A 240 27.37 6.03 -16.43
C LYS A 240 26.99 6.94 -15.26
N GLY A 241 26.14 6.46 -14.34
CA GLY A 241 25.82 7.16 -13.08
C GLY A 241 24.33 7.26 -12.80
N PHE A 242 23.48 6.97 -13.80
CA PHE A 242 21.99 7.01 -13.67
C PHE A 242 21.55 6.01 -12.60
N PRO A 243 20.48 6.32 -11.83
CA PRO A 243 19.91 5.38 -10.87
C PRO A 243 19.14 4.28 -11.62
N VAL A 244 19.26 3.03 -11.16
CA VAL A 244 18.67 1.83 -11.84
C VAL A 244 18.12 0.89 -10.77
N LEU A 245 17.43 -0.17 -11.19
CA LEU A 245 16.83 -1.20 -10.30
C LEU A 245 17.24 -2.60 -10.76
N SER A 246 17.54 -3.49 -9.80
CA SER A 246 17.84 -4.93 -10.00
C SER A 246 16.76 -5.58 -10.89
N LYS A 247 17.13 -6.68 -11.56
CA LYS A 247 16.22 -7.48 -12.43
C LYS A 247 14.93 -7.81 -11.66
N MET A 248 15.07 -8.28 -10.42
CA MET A 248 13.93 -8.72 -9.57
C MET A 248 13.03 -7.52 -9.27
N HIS A 249 13.61 -6.38 -8.88
CA HIS A 249 12.86 -5.11 -8.65
C HIS A 249 12.11 -4.70 -9.92
N GLN A 250 12.69 -4.94 -11.10
CA GLN A 250 12.10 -4.56 -12.41
C GLN A 250 10.87 -5.41 -12.72
N ARG A 251 10.79 -6.65 -12.22
CA ARG A 251 9.60 -7.53 -12.36
C ARG A 251 8.45 -6.94 -11.53
N LEU A 252 8.69 -6.68 -10.25
CA LEU A 252 7.67 -6.12 -9.32
C LEU A 252 7.08 -4.85 -9.94
N ILE A 253 7.93 -3.99 -10.51
CA ILE A 253 7.52 -2.70 -11.15
C ILE A 253 6.60 -3.00 -12.33
N PHE A 254 6.97 -3.94 -13.21
CA PHE A 254 6.16 -4.38 -14.37
C PHE A 254 4.80 -4.90 -13.90
N ARG A 255 4.78 -5.78 -12.89
CA ARG A 255 3.53 -6.31 -12.27
C ARG A 255 2.69 -5.14 -11.76
N LEU A 256 3.31 -4.17 -11.08
CA LEU A 256 2.62 -3.01 -10.44
C LEU A 256 2.05 -2.06 -11.51
N LEU A 257 2.70 -1.95 -12.68
CA LEU A 257 2.23 -1.07 -13.78
C LEU A 257 0.89 -1.60 -14.31
N LYS A 258 0.73 -2.93 -14.34
CA LYS A 258 -0.52 -3.61 -14.77
C LYS A 258 -1.66 -3.27 -13.80
N LEU A 259 -1.35 -3.01 -12.52
CA LEU A 259 -2.33 -2.54 -11.50
C LEU A 259 -2.44 -1.01 -11.49
N GLU A 260 -1.86 -0.34 -12.49
CA GLU A 260 -1.94 1.14 -12.67
C GLU A 260 -1.84 1.85 -11.31
N VAL A 261 -0.90 1.44 -10.47
CA VAL A 261 -0.65 2.08 -9.14
C VAL A 261 0.10 3.38 -9.39
N GLN A 262 0.03 4.32 -8.45
CA GLN A 262 0.84 5.57 -8.47
C GLN A 262 2.14 5.30 -7.71
N PHE A 263 3.29 5.65 -8.32
CA PHE A 263 4.63 5.45 -7.74
C PHE A 263 5.02 6.67 -6.92
N ILE A 264 5.37 6.45 -5.65
CA ILE A 264 5.88 7.49 -4.72
C ILE A 264 7.38 7.24 -4.54
N ILE A 265 8.20 8.30 -4.61
CA ILE A 265 9.67 8.23 -4.39
C ILE A 265 9.99 8.99 -3.11
N THR A 266 10.60 8.29 -2.15
CA THR A 266 10.91 8.77 -0.78
C THR A 266 12.43 8.73 -0.56
N GLY A 267 12.93 9.55 0.37
CA GLY A 267 14.36 9.63 0.75
C GLY A 267 15.07 10.76 0.04
N THR A 268 16.29 11.09 0.49
CA THR A 268 17.18 12.14 -0.08
C THR A 268 17.86 11.60 -1.34
N ASN A 269 18.35 12.50 -2.19
CA ASN A 269 19.08 12.18 -3.45
C ASN A 269 20.46 11.62 -3.10
N HIS A 270 20.66 10.31 -3.23
CA HIS A 270 21.92 9.60 -2.94
C HIS A 270 22.88 9.73 -4.12
N HIS A 271 22.35 10.02 -5.32
CA HIS A 271 23.12 10.31 -6.57
C HIS A 271 23.28 11.83 -6.73
N SER A 272 24.32 12.40 -6.10
CA SER A 272 24.55 13.86 -5.94
C SER A 272 24.69 14.55 -7.30
N GLU A 273 25.62 14.08 -8.14
CA GLU A 273 25.93 14.65 -9.48
C GLU A 273 24.67 14.73 -10.34
N LYS A 274 23.73 13.79 -10.15
CA LYS A 274 22.48 13.68 -10.94
C LYS A 274 21.35 14.49 -10.29
N GLU A 275 20.37 14.92 -11.09
CA GLU A 275 19.15 15.63 -10.66
C GLU A 275 18.14 14.59 -10.14
N PHE A 276 17.14 15.03 -9.37
CA PHE A 276 16.15 14.15 -8.69
C PHE A 276 15.18 13.56 -9.72
N CYS A 277 14.91 14.28 -10.81
CA CYS A 277 14.06 13.83 -11.95
C CYS A 277 14.65 12.57 -12.59
N SER A 278 15.93 12.25 -12.31
CA SER A 278 16.66 11.08 -12.85
C SER A 278 15.93 9.77 -12.47
N TYR A 279 15.60 9.59 -11.19
CA TYR A 279 14.84 8.43 -10.64
C TYR A 279 13.53 8.28 -11.40
N LEU A 280 12.76 9.38 -11.45
CA LEU A 280 11.44 9.48 -12.11
C LEU A 280 11.55 9.01 -13.56
N GLN A 281 12.55 9.52 -14.30
CA GLN A 281 12.76 9.23 -15.74
C GLN A 281 13.03 7.73 -15.96
N TYR A 282 13.60 7.03 -14.96
CA TYR A 282 13.86 5.57 -15.04
C TYR A 282 12.53 4.80 -15.06
N LEU A 283 11.57 5.18 -14.20
CA LEU A 283 10.22 4.54 -14.15
C LEU A 283 9.53 4.72 -15.51
N GLU A 284 9.56 5.94 -16.05
CA GLU A 284 8.97 6.27 -17.37
C GLU A 284 9.66 5.42 -18.45
N TYR A 285 10.99 5.31 -18.40
CA TYR A 285 11.79 4.43 -19.29
C TYR A 285 11.31 2.99 -19.13
N LEU A 286 11.25 2.49 -17.88
CA LEU A 286 10.75 1.14 -17.54
C LEU A 286 9.31 0.98 -18.08
N SER A 287 8.49 2.03 -17.95
CA SER A 287 7.08 2.06 -18.40
C SER A 287 7.00 1.92 -19.92
N GLN A 288 7.86 2.63 -20.66
CA GLN A 288 7.90 2.59 -22.15
C GLN A 288 8.16 1.15 -22.60
N ASN A 289 9.09 0.46 -21.94
CA ASN A 289 9.59 -0.90 -22.33
C ASN A 289 8.96 -1.96 -21.43
N ARG A 290 7.84 -2.56 -21.86
CA ARG A 290 7.19 -3.68 -21.15
C ARG A 290 6.75 -4.75 -22.14
N PRO A 291 6.71 -6.04 -21.74
CA PRO A 291 6.24 -7.12 -22.61
C PRO A 291 4.91 -6.76 -23.28
N PRO A 292 4.79 -6.88 -24.63
CA PRO A 292 3.62 -6.36 -25.34
C PRO A 292 2.31 -6.99 -24.88
N PRO A 293 1.22 -6.20 -24.71
CA PRO A 293 -0.06 -6.76 -24.29
C PRO A 293 -0.79 -7.39 -25.49
N ASN A 294 -1.40 -8.56 -25.29
CA ASN A 294 -2.13 -9.33 -26.35
C ASN A 294 -3.45 -8.61 -26.67
N ALA A 295 -4.25 -9.18 -27.57
CA ALA A 295 -5.51 -8.57 -28.10
C ALA A 295 -6.56 -8.45 -26.99
N TYR A 296 -6.65 -9.44 -26.09
CA TYR A 296 -7.65 -9.49 -24.98
C TYR A 296 -7.07 -8.85 -23.71
N GLU A 297 -5.84 -8.32 -23.78
CA GLU A 297 -5.22 -7.45 -22.73
C GLU A 297 -5.38 -5.98 -23.12
N LEU A 298 -5.58 -5.69 -24.42
CA LEU A 298 -5.63 -4.31 -24.97
C LEU A 298 -7.08 -3.80 -25.01
N PHE A 299 -8.01 -4.59 -25.56
CA PHE A 299 -9.45 -4.22 -25.67
C PHE A 299 -10.10 -4.22 -24.28
N ALA A 300 -9.96 -5.32 -23.55
CA ALA A 300 -10.54 -5.56 -22.20
C ALA A 300 -10.20 -4.40 -21.25
N LYS A 301 -9.18 -3.60 -21.59
CA LYS A 301 -8.87 -2.28 -20.99
C LYS A 301 -10.15 -1.44 -20.87
N GLY A 302 -10.53 -1.09 -19.63
CA GLY A 302 -11.74 -0.29 -19.32
C GLY A 302 -12.76 -1.09 -18.53
N TYR A 303 -12.73 -2.42 -18.64
CA TYR A 303 -13.71 -3.37 -18.03
C TYR A 303 -13.07 -4.12 -16.85
N GLU A 304 -11.88 -3.73 -16.43
CA GLU A 304 -11.08 -4.46 -15.41
C GLU A 304 -11.82 -4.45 -14.08
N ASP A 305 -12.14 -5.64 -13.55
CA ASP A 305 -12.83 -5.84 -12.25
C ASP A 305 -14.17 -5.10 -12.24
N TYR A 306 -14.76 -4.89 -13.42
CA TYR A 306 -16.10 -4.27 -13.58
C TYR A 306 -17.14 -5.39 -13.63
N LEU A 307 -18.05 -5.42 -12.64
CA LEU A 307 -19.08 -6.49 -12.52
C LEU A 307 -20.22 -6.20 -13.49
N GLN A 308 -20.67 -7.22 -14.22
CA GLN A 308 -21.86 -7.17 -15.12
C GLN A 308 -22.71 -8.43 -14.92
N SER A 309 -24.00 -8.31 -15.20
CA SER A 309 -24.96 -9.44 -15.31
C SER A 309 -24.60 -10.27 -16.53
N PRO A 310 -24.48 -11.62 -16.40
CA PRO A 310 -24.31 -12.47 -17.57
C PRO A 310 -25.53 -12.30 -18.49
N LEU A 311 -25.31 -12.24 -19.81
CA LEU A 311 -26.39 -12.17 -20.83
C LEU A 311 -27.26 -13.42 -20.70
N GLN A 312 -28.57 -13.24 -20.84
CA GLN A 312 -29.57 -14.33 -20.96
C GLN A 312 -30.32 -14.11 -22.27
N PRO A 313 -29.73 -14.53 -23.41
CA PRO A 313 -30.33 -14.26 -24.72
C PRO A 313 -31.58 -15.11 -24.95
N LEU A 314 -31.84 -16.13 -24.12
CA LEU A 314 -33.12 -16.89 -24.17
C LEU A 314 -34.26 -16.05 -23.59
N MET A 315 -34.11 -15.60 -22.34
CA MET A 315 -35.15 -14.84 -21.60
C MET A 315 -35.28 -13.44 -22.20
N ASP A 316 -34.17 -12.83 -22.62
CA ASP A 316 -34.09 -11.44 -23.14
C ASP A 316 -33.72 -11.44 -24.62
N ASN A 317 -34.17 -10.41 -25.35
CA ASN A 317 -33.79 -10.19 -26.77
C ASN A 317 -32.59 -9.24 -26.81
N LEU A 318 -31.43 -9.73 -27.27
CA LEU A 318 -30.17 -8.94 -27.29
C LEU A 318 -30.38 -7.71 -28.19
N GLU A 319 -29.81 -6.57 -27.78
CA GLU A 319 -29.82 -5.30 -28.55
C GLU A 319 -28.93 -5.44 -29.78
N SER A 320 -29.19 -4.65 -30.82
CA SER A 320 -28.39 -4.60 -32.08
C SER A 320 -26.89 -4.49 -31.72
N GLN A 321 -26.53 -3.63 -30.76
CA GLN A 321 -25.11 -3.34 -30.43
C GLN A 321 -24.48 -4.47 -29.61
N THR A 322 -25.28 -5.31 -28.95
CA THR A 322 -24.78 -6.51 -28.22
C THR A 322 -24.38 -7.56 -29.26
N TYR A 323 -25.26 -7.84 -30.23
CA TYR A 323 -24.93 -8.69 -31.41
C TYR A 323 -23.61 -8.21 -32.00
N GLU A 324 -23.52 -6.90 -32.27
CA GLU A 324 -22.35 -6.26 -32.94
C GLU A 324 -21.05 -6.64 -32.22
N VAL A 325 -20.97 -6.37 -30.91
CA VAL A 325 -19.78 -6.63 -30.06
C VAL A 325 -19.29 -8.07 -30.30
N PHE A 326 -20.19 -9.06 -30.23
CA PHE A 326 -19.85 -10.50 -30.20
C PHE A 326 -19.74 -11.06 -31.63
N GLU A 327 -20.09 -10.26 -32.65
CA GLU A 327 -19.89 -10.59 -34.09
C GLU A 327 -18.45 -10.20 -34.49
N LYS A 328 -17.84 -9.25 -33.79
CA LYS A 328 -16.47 -8.75 -34.04
C LYS A 328 -15.46 -9.72 -33.42
N ASP A 329 -15.36 -10.92 -33.99
CA ASP A 329 -14.54 -12.03 -33.44
C ASP A 329 -14.24 -13.04 -34.55
N PRO A 330 -13.31 -12.73 -35.48
CA PRO A 330 -13.12 -13.54 -36.69
C PRO A 330 -12.80 -15.01 -36.40
N ILE A 331 -12.12 -15.27 -35.27
CA ILE A 331 -11.64 -16.61 -34.83
C ILE A 331 -12.85 -17.50 -34.51
N LYS A 332 -13.91 -16.94 -33.93
CA LYS A 332 -15.15 -17.70 -33.59
C LYS A 332 -15.76 -18.25 -34.87
N TYR A 333 -15.90 -17.39 -35.89
CA TYR A 333 -16.58 -17.71 -37.17
C TYR A 333 -15.67 -18.61 -38.00
N SER A 334 -14.38 -18.27 -38.10
CA SER A 334 -13.37 -19.06 -38.86
C SER A 334 -13.33 -20.50 -38.32
N GLN A 335 -13.48 -20.68 -37.01
CA GLN A 335 -13.52 -22.01 -36.34
C GLN A 335 -14.86 -22.70 -36.64
N TYR A 336 -15.98 -21.98 -36.65
CA TYR A 336 -17.32 -22.53 -36.99
C TYR A 336 -17.33 -22.95 -38.47
N GLN A 337 -16.83 -22.08 -39.34
CA GLN A 337 -16.65 -22.35 -40.80
C GLN A 337 -15.88 -23.67 -40.96
N GLN A 338 -14.76 -23.81 -40.25
CA GLN A 338 -13.85 -24.98 -40.34
C GLN A 338 -14.56 -26.24 -39.83
N ALA A 339 -15.33 -26.11 -38.74
CA ALA A 339 -16.07 -27.24 -38.10
C ALA A 339 -17.11 -27.80 -39.08
N ILE A 340 -17.81 -26.92 -39.80
CA ILE A 340 -18.87 -27.31 -40.78
C ILE A 340 -18.20 -27.91 -42.02
N TYR A 341 -17.17 -27.24 -42.53
CA TYR A 341 -16.27 -27.71 -43.62
C TYR A 341 -15.96 -29.21 -43.43
N LYS A 342 -15.33 -29.55 -42.30
CA LYS A 342 -14.83 -30.91 -41.98
C LYS A 342 -16.00 -31.89 -41.85
N CYS A 343 -17.15 -31.43 -41.34
CA CYS A 343 -18.35 -32.28 -41.08
C CYS A 343 -19.03 -32.65 -42.41
N LEU A 344 -19.10 -31.70 -43.35
CA LEU A 344 -19.77 -31.89 -44.67
C LEU A 344 -19.02 -32.97 -45.46
N LEU A 345 -17.70 -32.90 -45.50
CA LEU A 345 -16.83 -33.84 -46.26
C LEU A 345 -16.98 -35.26 -45.69
N ASP A 346 -17.09 -35.40 -44.38
CA ASP A 346 -17.22 -36.71 -43.69
C ASP A 346 -18.58 -37.35 -44.02
N ARG A 347 -19.59 -36.54 -44.36
CA ARG A 347 -21.00 -37.00 -44.55
C ARG A 347 -21.34 -37.15 -46.04
N VAL A 348 -20.68 -36.40 -46.93
CA VAL A 348 -20.93 -36.43 -48.39
C VAL A 348 -19.64 -36.82 -49.12
N PRO A 349 -19.53 -38.10 -49.55
CA PRO A 349 -18.40 -38.54 -50.37
C PRO A 349 -18.28 -37.76 -51.69
N GLU A 350 -17.05 -37.60 -52.19
CA GLU A 350 -16.71 -36.89 -53.45
C GLU A 350 -17.58 -37.40 -54.61
N GLU A 351 -17.95 -38.69 -54.61
CA GLU A 351 -18.76 -39.32 -55.69
C GLU A 351 -20.22 -38.80 -55.65
N GLU A 352 -20.72 -38.40 -54.47
CA GLU A 352 -22.14 -38.02 -54.26
C GLU A 352 -22.33 -36.50 -54.19
N LYS A 353 -21.25 -35.71 -54.35
CA LYS A 353 -21.21 -34.26 -54.00
C LYS A 353 -22.36 -33.50 -54.69
N ASP A 354 -22.68 -33.85 -55.94
CA ASP A 354 -23.61 -33.08 -56.80
C ASP A 354 -25.05 -33.55 -56.62
N THR A 355 -25.27 -34.75 -56.08
CA THR A 355 -26.62 -35.35 -55.89
C THR A 355 -27.11 -35.19 -54.44
N ASN A 356 -26.19 -35.06 -53.47
CA ASN A 356 -26.51 -35.10 -52.01
C ASN A 356 -26.47 -33.69 -51.41
N VAL A 357 -27.64 -33.15 -51.09
CA VAL A 357 -27.82 -31.82 -50.43
C VAL A 357 -28.02 -32.05 -48.93
N GLN A 358 -27.18 -31.42 -48.10
CA GLN A 358 -27.21 -31.53 -46.61
C GLN A 358 -28.16 -30.47 -46.05
N VAL A 359 -29.11 -30.89 -45.20
CA VAL A 359 -29.99 -30.00 -44.41
C VAL A 359 -29.19 -29.48 -43.20
N LEU A 360 -28.61 -28.29 -43.34
CA LEU A 360 -27.92 -27.54 -42.25
C LEU A 360 -28.90 -26.52 -41.64
N MET A 361 -29.07 -26.53 -40.31
CA MET A 361 -30.01 -25.62 -39.62
C MET A 361 -29.25 -24.84 -38.53
N VAL A 362 -29.12 -23.52 -38.72
CA VAL A 362 -28.58 -22.58 -37.70
C VAL A 362 -29.67 -22.31 -36.66
N LEU A 363 -29.51 -22.84 -35.44
CA LEU A 363 -30.45 -22.68 -34.31
C LEU A 363 -29.98 -21.52 -33.42
N GLY A 364 -30.69 -20.39 -33.49
CA GLY A 364 -30.27 -19.10 -32.88
C GLY A 364 -29.32 -18.36 -33.80
N ALA A 365 -29.84 -17.92 -34.97
CA ALA A 365 -29.05 -17.45 -36.13
C ALA A 365 -28.66 -15.98 -35.99
N GLY A 366 -29.16 -15.31 -34.94
CA GLY A 366 -28.85 -13.90 -34.65
C GLY A 366 -29.07 -13.03 -35.88
N ARG A 367 -28.05 -12.28 -36.30
CA ARG A 367 -28.14 -11.30 -37.42
C ARG A 367 -27.55 -11.88 -38.71
N GLY A 368 -27.12 -13.15 -38.70
CA GLY A 368 -26.73 -13.88 -39.93
C GLY A 368 -25.28 -14.38 -39.98
N PRO A 369 -24.25 -13.70 -39.39
CA PRO A 369 -22.86 -14.07 -39.64
C PRO A 369 -22.53 -15.57 -39.52
N LEU A 370 -23.27 -16.32 -38.70
CA LEU A 370 -23.12 -17.80 -38.58
C LEU A 370 -23.76 -18.49 -39.79
N VAL A 371 -24.86 -17.93 -40.33
CA VAL A 371 -25.50 -18.37 -41.60
C VAL A 371 -24.49 -18.16 -42.73
N ASN A 372 -23.88 -16.97 -42.82
CA ASN A 372 -22.78 -16.67 -43.75
C ASN A 372 -21.68 -17.72 -43.62
N ALA A 373 -21.17 -17.91 -42.39
CA ALA A 373 -20.08 -18.86 -42.08
C ALA A 373 -20.44 -20.25 -42.63
N SER A 374 -21.70 -20.67 -42.47
CA SER A 374 -22.22 -21.98 -42.95
C SER A 374 -22.15 -22.05 -44.48
N LEU A 375 -22.36 -20.93 -45.17
CA LEU A 375 -22.32 -20.85 -46.66
C LEU A 375 -20.86 -20.90 -47.12
N ARG A 376 -20.00 -20.06 -46.55
CA ARG A 376 -18.53 -20.05 -46.80
C ARG A 376 -17.96 -21.47 -46.64
N ALA A 377 -18.52 -22.25 -45.72
CA ALA A 377 -18.10 -23.65 -45.41
C ALA A 377 -18.50 -24.59 -46.55
N ALA A 378 -19.75 -24.50 -47.00
CA ALA A 378 -20.34 -25.37 -48.05
C ALA A 378 -19.63 -25.12 -49.40
N LYS A 379 -19.26 -23.87 -49.69
CA LYS A 379 -18.59 -23.49 -50.96
C LYS A 379 -17.17 -24.10 -50.96
N GLN A 380 -16.36 -23.79 -49.94
CA GLN A 380 -14.92 -24.20 -49.89
C GLN A 380 -14.82 -25.74 -49.77
N ALA A 381 -15.87 -26.40 -49.28
CA ALA A 381 -15.99 -27.87 -49.20
C ALA A 381 -16.49 -28.44 -50.54
N ASP A 382 -17.08 -27.59 -51.38
CA ASP A 382 -17.74 -27.97 -52.66
C ASP A 382 -18.79 -29.05 -52.36
N ARG A 383 -19.75 -28.72 -51.49
CA ARG A 383 -20.94 -29.55 -51.17
C ARG A 383 -22.17 -28.64 -51.17
N ARG A 384 -23.34 -29.20 -51.50
CA ARG A 384 -24.63 -28.45 -51.62
C ARG A 384 -25.38 -28.56 -50.30
N ILE A 385 -25.91 -27.44 -49.78
CA ILE A 385 -26.60 -27.35 -48.46
C ILE A 385 -27.92 -26.59 -48.62
N LYS A 386 -29.00 -27.13 -48.04
CA LYS A 386 -30.26 -26.40 -47.77
C LYS A 386 -30.21 -25.87 -46.34
N LEU A 387 -30.27 -24.54 -46.17
CA LEU A 387 -30.02 -23.85 -44.88
C LEU A 387 -31.32 -23.29 -44.30
N TYR A 388 -31.60 -23.61 -43.03
CA TYR A 388 -32.67 -23.00 -42.20
C TYR A 388 -32.03 -22.09 -41.14
N ALA A 389 -32.47 -20.84 -41.05
CA ALA A 389 -32.01 -19.83 -40.07
C ALA A 389 -33.13 -19.58 -39.05
N VAL A 390 -33.11 -20.30 -37.92
CA VAL A 390 -34.13 -20.21 -36.84
C VAL A 390 -33.66 -19.18 -35.80
N GLU A 391 -34.47 -18.15 -35.54
CA GLU A 391 -34.17 -17.06 -34.57
C GLU A 391 -35.47 -16.66 -33.87
N LYS A 392 -35.43 -16.52 -32.54
CA LYS A 392 -36.61 -16.17 -31.70
C LYS A 392 -36.70 -14.65 -31.56
N ASN A 393 -35.57 -13.95 -31.61
CA ASN A 393 -35.49 -12.48 -31.45
C ASN A 393 -36.05 -11.82 -32.69
N PRO A 394 -37.33 -11.35 -32.68
CA PRO A 394 -37.96 -10.80 -33.89
C PRO A 394 -37.21 -9.58 -34.44
N ASN A 395 -36.46 -8.88 -33.59
CA ASN A 395 -35.71 -7.65 -33.96
C ASN A 395 -34.52 -8.04 -34.85
N ALA A 396 -33.86 -9.16 -34.54
CA ALA A 396 -32.74 -9.74 -35.33
C ALA A 396 -33.31 -10.43 -36.57
N VAL A 397 -34.47 -11.10 -36.45
CA VAL A 397 -35.23 -11.71 -37.57
C VAL A 397 -35.47 -10.66 -38.66
N VAL A 398 -35.61 -9.39 -38.28
CA VAL A 398 -35.73 -8.25 -39.25
C VAL A 398 -34.44 -8.20 -40.07
N THR A 399 -33.28 -8.27 -39.40
CA THR A 399 -31.94 -8.26 -40.04
C THR A 399 -31.82 -9.46 -41.00
N LEU A 400 -32.15 -10.66 -40.51
CA LEU A 400 -32.06 -11.92 -41.30
C LEU A 400 -32.87 -11.78 -42.58
N GLU A 401 -34.17 -11.47 -42.47
CA GLU A 401 -35.14 -11.43 -43.60
C GLU A 401 -34.74 -10.36 -44.63
N ASN A 402 -34.08 -9.28 -44.20
CA ASN A 402 -33.50 -8.25 -45.11
C ASN A 402 -32.28 -8.84 -45.85
N TRP A 403 -31.42 -9.59 -45.15
CA TRP A 403 -30.28 -10.36 -45.75
C TRP A 403 -30.84 -11.37 -46.74
N GLN A 404 -31.84 -12.15 -46.31
CA GLN A 404 -32.45 -13.28 -47.07
C GLN A 404 -32.98 -12.77 -48.42
N PHE A 405 -33.57 -11.56 -48.44
CA PHE A 405 -34.19 -10.95 -49.65
C PHE A 405 -33.12 -10.27 -50.52
N GLU A 406 -32.16 -9.58 -49.91
CA GLU A 406 -31.15 -8.74 -50.62
C GLU A 406 -30.00 -9.60 -51.18
N GLU A 407 -29.67 -10.74 -50.55
CA GLU A 407 -28.42 -11.50 -50.84
C GLU A 407 -28.67 -13.01 -50.94
N TRP A 408 -29.03 -13.67 -49.83
CA TRP A 408 -28.96 -15.15 -49.69
C TRP A 408 -29.87 -15.85 -50.70
N GLY A 409 -31.00 -15.24 -51.08
CA GLY A 409 -32.04 -15.88 -51.90
C GLY A 409 -32.66 -17.06 -51.18
N SER A 410 -33.33 -17.96 -51.92
CA SER A 410 -34.14 -19.09 -51.37
C SER A 410 -33.22 -20.24 -50.93
N GLN A 411 -31.90 -20.07 -51.00
CA GLN A 411 -30.92 -20.99 -50.34
C GLN A 411 -31.22 -21.02 -48.84
N VAL A 412 -31.54 -19.85 -48.26
CA VAL A 412 -31.82 -19.65 -46.81
C VAL A 412 -33.33 -19.44 -46.61
N THR A 413 -33.97 -20.35 -45.87
CA THR A 413 -35.32 -20.19 -45.27
C THR A 413 -35.16 -19.63 -43.85
N VAL A 414 -35.56 -18.37 -43.62
CA VAL A 414 -35.57 -17.76 -42.26
C VAL A 414 -36.82 -18.23 -41.52
N VAL A 415 -36.65 -18.73 -40.29
CA VAL A 415 -37.76 -19.14 -39.39
C VAL A 415 -37.72 -18.23 -38.16
N SER A 416 -38.79 -17.46 -37.94
CA SER A 416 -38.98 -16.60 -36.74
C SER A 416 -39.65 -17.44 -35.66
N SER A 417 -38.87 -18.18 -34.86
CA SER A 417 -39.40 -19.20 -33.93
C SER A 417 -38.37 -19.58 -32.86
N ASP A 418 -38.86 -19.93 -31.67
CA ASP A 418 -38.12 -20.68 -30.63
C ASP A 418 -37.83 -22.07 -31.21
N MET A 419 -36.60 -22.55 -31.08
CA MET A 419 -36.18 -23.86 -31.67
C MET A 419 -36.88 -25.01 -30.93
N ARG A 420 -37.40 -24.75 -29.73
CA ARG A 420 -38.12 -25.77 -28.90
C ARG A 420 -39.57 -25.91 -29.38
N GLU A 421 -40.16 -24.84 -29.94
CA GLU A 421 -41.58 -24.80 -30.39
C GLU A 421 -41.67 -25.17 -31.89
N TRP A 422 -40.65 -24.84 -32.68
CA TRP A 422 -40.66 -24.97 -34.16
C TRP A 422 -40.97 -26.40 -34.59
N VAL A 423 -41.99 -26.57 -35.45
CA VAL A 423 -42.25 -27.80 -36.23
C VAL A 423 -41.46 -27.69 -37.54
N ALA A 424 -40.53 -28.61 -37.78
CA ALA A 424 -39.65 -28.61 -38.96
C ALA A 424 -40.36 -29.28 -40.13
N PRO A 425 -40.25 -28.74 -41.36
CA PRO A 425 -40.74 -29.43 -42.55
C PRO A 425 -39.99 -30.75 -42.80
N GLU A 426 -38.69 -30.77 -42.56
CA GLU A 426 -37.78 -31.93 -42.79
C GLU A 426 -36.71 -31.98 -41.69
N LYS A 427 -36.27 -33.19 -41.32
CA LYS A 427 -35.20 -33.40 -40.30
C LYS A 427 -33.87 -32.88 -40.86
N ALA A 428 -32.89 -32.68 -39.99
CA ALA A 428 -31.60 -32.03 -40.31
C ALA A 428 -30.45 -33.05 -40.25
N ASP A 429 -29.41 -32.81 -41.06
CA ASP A 429 -28.14 -33.58 -41.08
C ASP A 429 -27.17 -32.93 -40.07
N ILE A 430 -27.10 -31.60 -40.06
CA ILE A 430 -26.29 -30.79 -39.11
C ILE A 430 -27.18 -29.68 -38.51
N ILE A 431 -27.25 -29.61 -37.17
CA ILE A 431 -27.71 -28.41 -36.41
C ILE A 431 -26.46 -27.64 -35.96
N VAL A 432 -26.43 -26.33 -36.21
CA VAL A 432 -25.31 -25.42 -35.83
C VAL A 432 -25.85 -24.38 -34.83
N SER A 433 -25.27 -24.28 -33.63
CA SER A 433 -25.74 -23.37 -32.57
C SER A 433 -24.58 -22.60 -31.92
N GLU A 434 -24.90 -21.43 -31.39
CA GLU A 434 -23.98 -20.39 -30.85
C GLU A 434 -24.54 -19.93 -29.50
N LEU A 435 -24.98 -20.89 -28.66
CA LEU A 435 -25.83 -20.62 -27.47
C LEU A 435 -25.01 -20.71 -26.17
N LEU A 436 -23.68 -20.62 -26.25
CA LEU A 436 -22.80 -20.79 -25.07
C LEU A 436 -22.58 -19.43 -24.41
N GLY A 437 -22.42 -19.46 -23.09
CA GLY A 437 -21.98 -18.33 -22.25
C GLY A 437 -20.61 -18.61 -21.66
N SER A 438 -20.10 -17.69 -20.83
CA SER A 438 -18.75 -17.79 -20.23
C SER A 438 -18.64 -19.03 -19.32
N PHE A 439 -19.75 -19.50 -18.74
CA PHE A 439 -19.78 -20.76 -17.94
C PHE A 439 -20.42 -21.87 -18.78
N ALA A 440 -20.32 -21.75 -20.10
CA ALA A 440 -20.81 -22.70 -21.12
C ALA A 440 -22.34 -22.77 -21.11
N ASP A 441 -22.91 -23.52 -20.16
CA ASP A 441 -24.35 -23.91 -20.15
C ASP A 441 -25.21 -22.82 -19.50
N ASN A 442 -24.65 -21.64 -19.18
CA ASN A 442 -25.33 -20.61 -18.36
C ASN A 442 -26.36 -19.84 -19.20
N GLU A 443 -26.35 -19.96 -20.54
CA GLU A 443 -27.39 -19.35 -21.42
C GLU A 443 -28.44 -20.41 -21.78
N LEU A 444 -28.27 -21.65 -21.30
CA LEU A 444 -29.24 -22.78 -21.37
C LEU A 444 -29.21 -23.44 -22.76
N SER A 445 -28.03 -23.54 -23.37
CA SER A 445 -27.76 -24.38 -24.57
C SER A 445 -28.33 -25.77 -24.37
N PRO A 446 -28.03 -26.51 -23.27
CA PRO A 446 -28.61 -27.84 -23.07
C PRO A 446 -30.11 -27.93 -23.34
N GLU A 447 -30.92 -27.11 -22.65
CA GLU A 447 -32.41 -27.18 -22.72
C GLU A 447 -32.85 -26.82 -24.15
N CYS A 448 -32.20 -25.82 -24.75
CA CYS A 448 -32.51 -25.29 -26.11
C CYS A 448 -32.33 -26.40 -27.15
N LEU A 449 -31.15 -27.02 -27.20
CA LEU A 449 -30.79 -28.06 -28.19
C LEU A 449 -31.59 -29.34 -27.91
N ASP A 450 -31.85 -29.65 -26.64
CA ASP A 450 -32.70 -30.80 -26.21
C ASP A 450 -34.07 -30.71 -26.87
N GLY A 451 -34.66 -29.50 -26.90
CA GLY A 451 -36.00 -29.24 -27.45
C GLY A 451 -36.01 -29.25 -28.97
N ALA A 452 -34.84 -29.03 -29.59
CA ALA A 452 -34.61 -29.01 -31.05
C ALA A 452 -34.14 -30.38 -31.55
N GLN A 453 -33.79 -31.27 -30.63
CA GLN A 453 -33.13 -32.58 -30.91
C GLN A 453 -34.02 -33.44 -31.82
N HIS A 454 -35.34 -33.38 -31.63
CA HIS A 454 -36.35 -34.27 -32.28
C HIS A 454 -36.39 -34.07 -33.80
N PHE A 455 -35.83 -32.97 -34.33
CA PHE A 455 -35.75 -32.72 -35.80
C PHE A 455 -34.30 -32.75 -36.30
N LEU A 456 -33.41 -33.46 -35.58
CA LEU A 456 -32.09 -33.90 -36.08
C LEU A 456 -32.23 -35.36 -36.53
N LYS A 457 -31.68 -35.70 -37.71
CA LYS A 457 -31.72 -37.08 -38.26
C LYS A 457 -31.07 -38.04 -37.26
N ASP A 458 -31.49 -39.32 -37.26
CA ASP A 458 -30.96 -40.40 -36.37
C ASP A 458 -29.43 -40.36 -36.36
N ASP A 459 -28.80 -39.98 -37.49
CA ASP A 459 -27.33 -39.97 -37.69
C ASP A 459 -26.81 -38.51 -37.73
N GLY A 460 -27.63 -37.54 -37.33
CA GLY A 460 -27.33 -36.10 -37.46
C GLY A 460 -26.24 -35.65 -36.51
N VAL A 461 -25.49 -34.61 -36.90
CA VAL A 461 -24.38 -34.00 -36.11
C VAL A 461 -24.87 -32.69 -35.48
N SER A 462 -24.57 -32.45 -34.21
CA SER A 462 -24.70 -31.14 -33.52
C SER A 462 -23.33 -30.45 -33.53
N ILE A 463 -23.28 -29.21 -34.01
CA ILE A 463 -22.12 -28.29 -33.86
C ILE A 463 -22.57 -27.10 -33.01
N PRO A 464 -22.19 -27.01 -31.72
CA PRO A 464 -21.14 -27.83 -31.12
C PRO A 464 -21.61 -29.21 -30.66
N GLY A 465 -20.66 -30.15 -30.52
CA GLY A 465 -20.90 -31.56 -30.11
C GLY A 465 -20.87 -31.70 -28.60
N GLU A 466 -19.92 -31.05 -27.94
CA GLU A 466 -19.88 -30.97 -26.45
C GLU A 466 -19.29 -29.63 -26.02
N TYR A 467 -19.57 -29.24 -24.77
CA TYR A 467 -18.91 -28.12 -24.07
C TYR A 467 -18.73 -28.54 -22.61
N THR A 468 -17.68 -28.00 -21.99
CA THR A 468 -17.32 -28.28 -20.58
C THR A 468 -17.01 -26.96 -19.88
N SER A 469 -17.57 -26.79 -18.67
CA SER A 469 -17.31 -25.63 -17.78
C SER A 469 -16.14 -25.97 -16.85
N PHE A 470 -15.36 -24.95 -16.47
CA PHE A 470 -14.20 -25.05 -15.55
C PHE A 470 -14.37 -24.01 -14.43
N LEU A 471 -13.97 -24.39 -13.22
CA LEU A 471 -13.91 -23.51 -12.02
C LEU A 471 -12.47 -23.47 -11.50
N ALA A 472 -12.08 -22.34 -10.91
CA ALA A 472 -10.83 -22.17 -10.15
C ALA A 472 -11.13 -21.25 -8.96
N PRO A 473 -10.61 -21.54 -7.74
CA PRO A 473 -10.78 -20.64 -6.61
C PRO A 473 -9.89 -19.41 -6.82
N ILE A 474 -10.38 -18.22 -6.44
CA ILE A 474 -9.59 -16.96 -6.55
C ILE A 474 -9.58 -16.24 -5.19
N SER A 475 -8.49 -15.48 -4.96
CA SER A 475 -8.38 -14.43 -3.93
C SER A 475 -8.47 -13.07 -4.63
N SER A 476 -9.37 -12.21 -4.16
CA SER A 476 -9.43 -10.78 -4.54
C SER A 476 -10.26 -10.01 -3.52
N SER A 477 -9.60 -9.43 -2.52
CA SER A 477 -10.24 -8.50 -1.56
C SER A 477 -10.91 -7.38 -2.35
N LYS A 478 -10.35 -7.02 -3.51
CA LYS A 478 -10.87 -5.94 -4.40
C LYS A 478 -12.26 -6.33 -4.95
N LEU A 479 -12.36 -7.47 -5.63
CA LEU A 479 -13.63 -7.96 -6.26
C LEU A 479 -14.66 -8.25 -5.18
N TYR A 480 -14.25 -8.87 -4.06
CA TYR A 480 -15.11 -9.09 -2.87
C TYR A 480 -15.79 -7.77 -2.49
N ASN A 481 -15.02 -6.68 -2.49
CA ASN A 481 -15.51 -5.34 -2.08
C ASN A 481 -16.43 -4.78 -3.19
N GLU A 482 -16.09 -5.02 -4.46
CA GLU A 482 -16.94 -4.68 -5.63
C GLU A 482 -18.31 -5.34 -5.45
N VAL A 483 -18.34 -6.65 -5.19
CA VAL A 483 -19.59 -7.45 -5.00
C VAL A 483 -20.36 -6.85 -3.81
N ARG A 484 -19.69 -6.72 -2.67
CA ARG A 484 -20.25 -6.14 -1.41
C ARG A 484 -21.02 -4.85 -1.73
N ALA A 485 -20.50 -4.05 -2.66
CA ALA A 485 -21.01 -2.70 -3.02
C ALA A 485 -22.20 -2.80 -3.98
N CYS A 486 -22.70 -4.00 -4.29
CA CYS A 486 -23.85 -4.22 -5.21
C CYS A 486 -25.13 -4.48 -4.42
N ARG A 487 -25.19 -4.08 -3.15
CA ARG A 487 -26.44 -4.14 -2.38
C ARG A 487 -27.45 -3.15 -2.95
N GLU A 488 -28.66 -3.62 -3.24
CA GLU A 488 -29.79 -2.80 -3.77
C GLU A 488 -30.92 -2.82 -2.73
N LYS A 489 -31.67 -1.73 -2.64
CA LYS A 489 -32.91 -1.65 -1.84
C LYS A 489 -33.92 -2.67 -2.39
N ASP A 490 -34.93 -3.01 -1.60
CA ASP A 490 -36.10 -3.83 -2.01
C ASP A 490 -35.70 -5.26 -2.40
N ARG A 491 -34.57 -5.77 -1.90
CA ARG A 491 -34.21 -7.21 -2.05
C ARG A 491 -33.36 -7.67 -0.85
N ASP A 492 -33.23 -8.99 -0.70
CA ASP A 492 -32.33 -9.65 0.28
C ASP A 492 -31.00 -8.90 0.28
N PRO A 493 -30.53 -8.41 1.47
CA PRO A 493 -29.32 -7.59 1.53
C PRO A 493 -28.01 -8.34 1.23
N GLU A 494 -28.07 -9.65 1.02
CA GLU A 494 -26.88 -10.49 0.70
C GLU A 494 -27.03 -11.13 -0.69
N ALA A 495 -28.08 -10.79 -1.44
CA ALA A 495 -28.42 -11.39 -2.76
C ALA A 495 -27.26 -11.24 -3.74
N GLN A 496 -26.54 -10.11 -3.70
CA GLN A 496 -25.41 -9.79 -4.62
C GLN A 496 -24.34 -10.87 -4.55
N PHE A 497 -24.23 -11.61 -3.44
CA PHE A 497 -23.22 -12.67 -3.21
C PHE A 497 -23.70 -14.02 -3.78
N GLU A 498 -24.99 -14.14 -4.10
CA GLU A 498 -25.65 -15.41 -4.51
C GLU A 498 -25.97 -15.36 -6.00
N MET A 499 -25.14 -14.68 -6.80
CA MET A 499 -25.33 -14.58 -8.27
C MET A 499 -23.99 -14.46 -8.98
N PRO A 500 -23.86 -15.06 -10.17
CA PRO A 500 -22.65 -14.96 -10.97
C PRO A 500 -22.55 -13.59 -11.66
N TYR A 501 -21.32 -13.10 -11.83
CA TYR A 501 -21.00 -11.86 -12.58
C TYR A 501 -20.09 -12.23 -13.75
N VAL A 502 -20.31 -11.61 -14.91
CA VAL A 502 -19.30 -11.52 -15.99
C VAL A 502 -18.41 -10.34 -15.63
N VAL A 503 -17.09 -10.58 -15.58
CA VAL A 503 -16.09 -9.57 -15.15
C VAL A 503 -14.74 -9.92 -15.77
N ARG A 504 -14.05 -8.94 -16.36
CA ARG A 504 -12.62 -9.08 -16.73
C ARG A 504 -11.82 -9.08 -15.43
N LEU A 505 -11.67 -10.26 -14.80
CA LEU A 505 -10.88 -10.45 -13.55
C LEU A 505 -9.47 -9.89 -13.81
N HIS A 506 -9.08 -8.85 -13.09
CA HIS A 506 -7.82 -8.11 -13.30
C HIS A 506 -6.95 -8.18 -12.03
N ASN A 507 -7.33 -7.47 -10.96
CA ASN A 507 -6.62 -7.50 -9.65
C ASN A 507 -7.15 -8.69 -8.84
N PHE A 508 -6.51 -9.85 -8.98
CA PHE A 508 -6.91 -11.11 -8.32
C PHE A 508 -5.74 -12.11 -8.34
N HIS A 509 -5.95 -13.26 -7.69
CA HIS A 509 -4.97 -14.37 -7.58
C HIS A 509 -5.72 -15.70 -7.79
N GLN A 510 -5.31 -16.50 -8.78
CA GLN A 510 -5.83 -17.87 -9.00
C GLN A 510 -5.11 -18.83 -8.04
N LEU A 511 -5.85 -19.43 -7.11
CA LEU A 511 -5.28 -20.23 -5.98
C LEU A 511 -4.99 -21.66 -6.44
N SER A 512 -5.57 -22.12 -7.54
CA SER A 512 -5.48 -23.54 -8.01
C SER A 512 -5.82 -23.63 -9.49
N ALA A 513 -5.23 -24.58 -10.22
CA ALA A 513 -5.46 -24.82 -11.66
C ALA A 513 -6.96 -25.05 -11.88
N PRO A 514 -7.57 -24.44 -12.92
CA PRO A 514 -8.96 -24.72 -13.27
C PRO A 514 -9.22 -26.22 -13.41
N GLN A 515 -10.38 -26.68 -12.95
CA GLN A 515 -10.84 -28.09 -13.04
C GLN A 515 -12.22 -28.13 -13.68
N PRO A 516 -12.54 -29.17 -14.49
CA PRO A 516 -13.83 -29.24 -15.16
C PRO A 516 -14.94 -29.37 -14.12
N CYS A 517 -16.09 -28.74 -14.40
CA CYS A 517 -17.27 -28.69 -13.50
C CYS A 517 -18.43 -29.48 -14.14
N PHE A 518 -19.11 -28.90 -15.13
CA PHE A 518 -20.27 -29.50 -15.83
C PHE A 518 -19.94 -29.69 -17.31
N THR A 519 -20.35 -30.83 -17.87
CA THR A 519 -20.17 -31.20 -19.30
C THR A 519 -21.52 -31.60 -19.90
N PHE A 520 -21.78 -31.16 -21.13
CA PHE A 520 -23.00 -31.53 -21.92
C PHE A 520 -22.58 -32.02 -23.30
N SER A 521 -23.27 -33.04 -23.82
CA SER A 521 -23.05 -33.66 -25.15
C SER A 521 -24.30 -33.50 -26.01
N HIS A 522 -24.11 -33.25 -27.31
CA HIS A 522 -25.20 -33.01 -28.29
C HIS A 522 -24.89 -33.75 -29.59
N PRO A 523 -25.82 -34.61 -30.09
CA PRO A 523 -27.11 -34.88 -29.43
C PRO A 523 -26.94 -35.69 -28.14
N ASN A 524 -27.90 -35.55 -27.22
CA ASN A 524 -28.02 -36.31 -25.96
C ASN A 524 -28.96 -37.50 -26.22
N ARG A 525 -28.42 -38.58 -26.79
CA ARG A 525 -29.16 -39.82 -27.14
C ARG A 525 -29.73 -40.46 -25.87
N ASP A 526 -29.03 -40.29 -24.74
CA ASP A 526 -29.44 -40.69 -23.37
C ASP A 526 -30.95 -40.63 -23.22
N PRO A 527 -31.61 -41.73 -22.81
CA PRO A 527 -33.06 -41.70 -22.55
C PRO A 527 -33.35 -41.04 -21.19
N MET A 528 -34.52 -40.43 -21.04
CA MET A 528 -34.95 -39.75 -19.79
C MET A 528 -33.91 -38.68 -19.42
N ILE A 529 -33.63 -37.79 -20.38
CA ILE A 529 -32.59 -36.71 -20.29
C ILE A 529 -32.75 -35.95 -18.96
N ASP A 530 -31.64 -35.71 -18.25
CA ASP A 530 -31.61 -34.87 -17.02
C ASP A 530 -30.38 -33.94 -17.06
N ASN A 531 -30.61 -32.63 -17.14
CA ASN A 531 -29.57 -31.59 -17.30
C ASN A 531 -29.14 -31.03 -15.93
N ASN A 532 -29.83 -31.42 -14.85
CA ASN A 532 -29.41 -31.15 -13.45
C ASN A 532 -28.02 -31.78 -13.23
N ARG A 533 -27.23 -31.21 -12.31
CA ARG A 533 -25.85 -31.68 -12.04
C ARG A 533 -25.50 -31.43 -10.56
N TYR A 534 -24.67 -32.31 -10.00
CA TYR A 534 -23.98 -32.16 -8.70
C TYR A 534 -22.53 -32.57 -8.92
N CYS A 535 -21.58 -31.73 -8.52
CA CYS A 535 -20.13 -31.90 -8.79
C CYS A 535 -19.32 -31.40 -7.60
N THR A 536 -18.51 -32.27 -7.00
CA THR A 536 -17.54 -31.93 -5.92
C THR A 536 -16.15 -31.72 -6.54
N LEU A 537 -15.51 -30.57 -6.28
CA LEU A 537 -14.13 -30.27 -6.75
C LEU A 537 -13.23 -30.03 -5.54
N GLU A 538 -12.03 -30.61 -5.58
CA GLU A 538 -10.97 -30.47 -4.54
C GLU A 538 -9.77 -29.77 -5.17
N PHE A 539 -9.47 -28.57 -4.67
CA PHE A 539 -8.44 -27.63 -5.20
C PHE A 539 -7.25 -27.57 -4.24
N PRO A 540 -6.12 -28.24 -4.55
CA PRO A 540 -4.93 -28.14 -3.70
C PRO A 540 -4.37 -26.72 -3.75
N VAL A 541 -4.26 -26.08 -2.57
CA VAL A 541 -3.73 -24.69 -2.40
C VAL A 541 -2.37 -24.79 -1.70
N GLU A 542 -1.34 -24.17 -2.30
CA GLU A 542 0.08 -24.26 -1.85
C GLU A 542 0.55 -22.89 -1.36
N VAL A 543 -0.37 -22.00 -0.95
CA VAL A 543 -0.05 -20.68 -0.34
C VAL A 543 -1.02 -20.42 0.81
N ASN A 544 -0.66 -19.48 1.70
CA ASN A 544 -1.61 -18.82 2.62
C ASN A 544 -2.31 -17.74 1.78
N THR A 545 -3.61 -17.50 2.02
CA THR A 545 -4.47 -16.63 1.18
C THR A 545 -5.86 -16.53 1.80
N VAL A 546 -6.78 -15.82 1.14
CA VAL A 546 -8.20 -15.63 1.53
C VAL A 546 -9.08 -15.86 0.29
N LEU A 547 -10.05 -16.76 0.38
CA LEU A 547 -10.95 -17.16 -0.74
C LEU A 547 -12.15 -16.22 -0.79
N HIS A 548 -12.33 -15.50 -1.90
CA HIS A 548 -13.42 -14.51 -2.10
C HIS A 548 -14.46 -15.02 -3.10
N GLY A 549 -14.11 -16.03 -3.91
CA GLY A 549 -15.04 -16.62 -4.88
C GLY A 549 -14.35 -17.59 -5.82
N PHE A 550 -15.03 -17.94 -6.92
CA PHE A 550 -14.59 -18.92 -7.93
C PHE A 550 -14.75 -18.30 -9.32
N ALA A 551 -13.67 -18.34 -10.11
CA ALA A 551 -13.64 -17.93 -11.52
C ALA A 551 -14.14 -19.09 -12.39
N GLY A 552 -15.11 -18.83 -13.25
CA GLY A 552 -15.65 -19.81 -14.20
C GLY A 552 -15.14 -19.54 -15.60
N TYR A 553 -14.85 -20.61 -16.35
CA TYR A 553 -14.43 -20.58 -17.77
C TYR A 553 -15.13 -21.75 -18.48
N PHE A 554 -14.81 -21.97 -19.75
CA PHE A 554 -15.34 -23.14 -20.50
C PHE A 554 -14.47 -23.45 -21.72
N GLU A 555 -14.68 -24.67 -22.23
CA GLU A 555 -14.18 -25.18 -23.54
C GLU A 555 -15.34 -25.85 -24.26
N THR A 556 -15.40 -25.73 -25.58
CA THR A 556 -16.41 -26.41 -26.42
C THR A 556 -15.69 -27.07 -27.59
N VAL A 557 -16.08 -28.30 -27.88
CA VAL A 557 -15.75 -29.02 -29.15
C VAL A 557 -16.89 -28.71 -30.12
N LEU A 558 -16.63 -27.86 -31.12
CA LEU A 558 -17.56 -27.61 -32.25
C LEU A 558 -17.67 -28.92 -33.03
N TYR A 559 -16.54 -29.46 -33.45
CA TYR A 559 -16.47 -30.73 -34.22
C TYR A 559 -15.04 -31.25 -34.21
N GLN A 560 -14.88 -32.54 -33.91
CA GLN A 560 -13.53 -33.18 -33.95
C GLN A 560 -12.53 -32.37 -33.13
N ASP A 561 -11.48 -31.90 -33.79
CA ASP A 561 -10.41 -31.12 -33.12
C ASP A 561 -10.70 -29.62 -33.15
N ILE A 562 -11.80 -29.18 -33.77
CA ILE A 562 -12.13 -27.73 -33.85
C ILE A 562 -12.78 -27.33 -32.52
N THR A 563 -12.10 -26.48 -31.76
CA THR A 563 -12.47 -26.10 -30.38
C THR A 563 -12.49 -24.57 -30.26
N LEU A 564 -13.26 -24.08 -29.29
CA LEU A 564 -13.15 -22.71 -28.72
C LEU A 564 -12.99 -22.86 -27.21
N SER A 565 -12.24 -21.94 -26.59
CA SER A 565 -11.88 -22.00 -25.15
C SER A 565 -11.64 -20.59 -24.61
N ILE A 566 -12.08 -20.34 -23.37
CA ILE A 566 -11.65 -19.15 -22.57
C ILE A 566 -10.99 -19.61 -21.27
N ARG A 567 -10.81 -20.93 -21.09
CA ARG A 567 -9.89 -21.52 -20.07
C ARG A 567 -8.49 -21.00 -20.36
N PRO A 568 -7.88 -20.20 -19.44
CA PRO A 568 -6.65 -19.47 -19.74
C PRO A 568 -5.53 -20.32 -20.36
N GLU A 569 -5.36 -21.56 -19.90
CA GLU A 569 -4.22 -22.43 -20.29
C GLU A 569 -4.46 -23.05 -21.68
N THR A 570 -5.66 -22.91 -22.26
CA THR A 570 -6.00 -23.37 -23.63
C THR A 570 -6.80 -22.29 -24.39
N HIS A 571 -6.73 -21.04 -23.94
CA HIS A 571 -7.53 -19.91 -24.51
C HIS A 571 -7.38 -19.89 -26.03
N SER A 572 -8.50 -19.95 -26.76
CA SER A 572 -8.58 -19.67 -28.23
C SER A 572 -7.86 -18.36 -28.51
N PRO A 573 -7.23 -18.19 -29.70
CA PRO A 573 -6.54 -16.94 -30.02
C PRO A 573 -7.53 -15.83 -30.39
N GLY A 574 -8.00 -15.08 -29.40
CA GLY A 574 -9.15 -14.15 -29.52
C GLY A 574 -10.31 -14.62 -28.66
N MET A 575 -11.54 -14.26 -29.03
CA MET A 575 -12.74 -14.39 -28.15
C MET A 575 -12.51 -13.59 -26.87
N PHE A 576 -11.84 -12.44 -27.03
CA PHE A 576 -11.46 -11.45 -25.97
C PHE A 576 -12.71 -10.91 -25.26
N SER A 577 -13.81 -10.82 -26.01
CA SER A 577 -15.12 -10.25 -25.57
C SER A 577 -15.73 -11.09 -24.45
N TRP A 578 -15.39 -12.39 -24.41
CA TRP A 578 -15.90 -13.40 -23.44
C TRP A 578 -15.07 -13.36 -22.15
N PHE A 579 -15.49 -12.57 -21.17
CA PHE A 579 -14.79 -12.47 -19.87
C PHE A 579 -15.17 -13.66 -18.99
N PRO A 580 -14.31 -14.01 -18.01
CA PRO A 580 -14.65 -15.01 -17.00
C PRO A 580 -15.94 -14.70 -16.22
N ILE A 581 -16.55 -15.75 -15.67
CA ILE A 581 -17.65 -15.66 -14.66
C ILE A 581 -17.01 -15.60 -13.28
N LEU A 582 -17.59 -14.83 -12.37
CA LEU A 582 -17.25 -14.84 -10.93
C LEU A 582 -18.45 -15.35 -10.13
N PHE A 583 -18.26 -16.44 -9.39
CA PHE A 583 -19.18 -16.90 -8.33
C PHE A 583 -18.62 -16.44 -6.98
N PRO A 584 -19.22 -15.39 -6.35
CA PRO A 584 -18.75 -14.93 -5.05
C PRO A 584 -19.23 -15.82 -3.90
N ILE A 585 -18.62 -15.67 -2.71
CA ILE A 585 -19.11 -16.25 -1.43
C ILE A 585 -19.27 -15.12 -0.40
N LYS A 586 -20.33 -15.19 0.40
CA LYS A 586 -20.77 -14.17 1.39
C LYS A 586 -19.63 -13.81 2.34
N GLN A 587 -18.94 -14.82 2.88
CA GLN A 587 -17.86 -14.63 3.89
C GLN A 587 -16.56 -15.15 3.32
N PRO A 588 -15.48 -14.33 3.28
CA PRO A 588 -14.17 -14.81 2.87
C PRO A 588 -13.70 -15.91 3.82
N ILE A 589 -12.98 -16.90 3.29
CA ILE A 589 -12.49 -18.08 4.07
C ILE A 589 -10.97 -18.08 4.04
N THR A 590 -10.34 -18.00 5.21
CA THR A 590 -8.87 -18.12 5.36
C THR A 590 -8.46 -19.53 4.93
N VAL A 591 -7.43 -19.63 4.09
CA VAL A 591 -6.86 -20.90 3.58
C VAL A 591 -5.34 -20.88 3.85
N ARG A 592 -4.84 -21.88 4.57
CA ARG A 592 -3.40 -22.05 4.89
C ARG A 592 -2.74 -22.91 3.81
N GLU A 593 -1.45 -22.71 3.54
CA GLU A 593 -0.69 -23.52 2.56
C GLU A 593 -0.87 -25.00 2.92
N GLY A 594 -0.93 -25.86 1.90
CA GLY A 594 -1.07 -27.32 2.05
C GLY A 594 -2.52 -27.75 2.20
N GLN A 595 -3.42 -26.82 2.52
CA GLN A 595 -4.87 -27.11 2.69
C GLN A 595 -5.54 -27.29 1.32
N THR A 596 -6.64 -28.05 1.30
CA THR A 596 -7.51 -28.31 0.13
C THR A 596 -8.76 -27.43 0.26
N ILE A 597 -9.08 -26.66 -0.78
CA ILE A 597 -10.39 -25.98 -0.93
C ILE A 597 -11.33 -26.97 -1.63
N CYS A 598 -12.35 -27.44 -0.91
CA CYS A 598 -13.45 -28.27 -1.48
C CYS A 598 -14.64 -27.36 -1.78
N VAL A 599 -15.03 -27.27 -3.06
CA VAL A 599 -16.29 -26.56 -3.47
C VAL A 599 -17.24 -27.57 -4.11
N ARG A 600 -18.53 -27.30 -3.94
CA ARG A 600 -19.66 -28.11 -4.46
C ARG A 600 -20.52 -27.20 -5.31
N PHE A 601 -20.71 -27.53 -6.59
CA PHE A 601 -21.62 -26.80 -7.52
C PHE A 601 -22.78 -27.71 -7.90
N TRP A 602 -23.99 -27.15 -7.91
CA TRP A 602 -25.23 -27.78 -8.37
C TRP A 602 -25.78 -27.00 -9.57
N ARG A 603 -26.20 -27.71 -10.62
CA ARG A 603 -27.11 -27.16 -11.67
C ARG A 603 -28.51 -27.69 -11.33
N CYS A 604 -29.45 -26.78 -11.11
CA CYS A 604 -30.83 -27.06 -10.62
C CYS A 604 -31.82 -26.45 -11.59
N SER A 605 -33.06 -26.94 -11.60
CA SER A 605 -34.09 -26.50 -12.57
C SER A 605 -35.49 -26.95 -12.16
N ASN A 606 -36.48 -26.26 -12.75
CA ASN A 606 -37.88 -26.73 -12.91
C ASN A 606 -38.30 -26.37 -14.34
N SER A 607 -39.60 -26.43 -14.65
CA SER A 607 -40.15 -26.18 -16.01
C SER A 607 -39.86 -24.75 -16.47
N LYS A 608 -39.61 -23.82 -15.55
CA LYS A 608 -39.62 -22.36 -15.81
C LYS A 608 -38.22 -21.75 -15.77
N LYS A 609 -37.31 -22.27 -14.94
CA LYS A 609 -36.00 -21.63 -14.68
C LYS A 609 -34.92 -22.67 -14.33
N VAL A 610 -33.69 -22.37 -14.71
CA VAL A 610 -32.45 -23.12 -14.35
C VAL A 610 -31.63 -22.19 -13.44
N TRP A 611 -30.84 -22.74 -12.54
CA TRP A 611 -29.94 -21.92 -11.67
C TRP A 611 -28.80 -22.79 -11.14
N TYR A 612 -27.80 -22.15 -10.53
CA TYR A 612 -26.69 -22.79 -9.80
C TYR A 612 -26.88 -22.52 -8.30
N GLU A 613 -26.56 -23.54 -7.49
CA GLU A 613 -26.28 -23.43 -6.05
C GLU A 613 -24.83 -23.86 -5.85
N TRP A 614 -24.14 -23.33 -4.84
CA TRP A 614 -22.74 -23.72 -4.53
C TRP A 614 -22.48 -23.59 -3.03
N ALA A 615 -21.52 -24.38 -2.54
CA ALA A 615 -21.05 -24.35 -1.14
C ALA A 615 -19.57 -24.74 -1.11
N VAL A 616 -18.78 -24.09 -0.26
CA VAL A 616 -17.43 -24.54 0.14
C VAL A 616 -17.64 -25.46 1.35
N THR A 617 -16.98 -26.63 1.37
CA THR A 617 -17.11 -27.65 2.45
C THR A 617 -15.76 -27.91 3.12
N ALA A 618 -14.66 -27.38 2.56
CA ALA A 618 -13.30 -27.46 3.15
C ALA A 618 -12.48 -26.25 2.71
N PRO A 619 -11.57 -25.71 3.54
CA PRO A 619 -11.28 -26.25 4.88
C PRO A 619 -12.33 -25.93 5.95
N VAL A 620 -13.29 -25.05 5.65
CA VAL A 620 -14.53 -24.84 6.47
C VAL A 620 -15.73 -24.87 5.52
N CYS A 621 -16.94 -24.84 6.09
CA CYS A 621 -18.21 -24.83 5.33
C CYS A 621 -18.68 -23.38 5.16
N SER A 622 -19.14 -23.05 3.96
CA SER A 622 -19.99 -21.85 3.70
C SER A 622 -21.45 -22.26 3.87
N ALA A 623 -22.35 -21.27 3.95
CA ALA A 623 -23.77 -21.46 3.61
C ALA A 623 -23.84 -21.90 2.14
N ILE A 624 -24.82 -22.74 1.81
CA ILE A 624 -25.22 -23.03 0.40
C ILE A 624 -25.69 -21.70 -0.19
N HIS A 625 -25.11 -21.29 -1.32
CA HIS A 625 -25.45 -20.02 -2.01
C HIS A 625 -26.58 -20.28 -3.02
N ASN A 626 -27.50 -19.32 -3.12
CA ASN A 626 -28.62 -19.27 -4.09
C ASN A 626 -29.53 -20.49 -3.96
N PRO A 627 -29.92 -20.91 -2.74
CA PRO A 627 -30.87 -22.01 -2.59
C PRO A 627 -32.21 -21.69 -3.25
N THR A 628 -32.72 -22.61 -4.07
CA THR A 628 -34.03 -22.53 -4.79
C THR A 628 -33.97 -21.44 -5.89
N GLY A 629 -32.77 -20.94 -6.19
CA GLY A 629 -32.59 -19.80 -7.11
C GLY A 629 -33.23 -18.53 -6.58
N ARG A 630 -33.25 -18.36 -5.26
CA ARG A 630 -33.95 -17.22 -4.58
C ARG A 630 -33.35 -15.89 -5.05
N SER A 631 -32.03 -15.83 -5.25
CA SER A 631 -31.26 -14.62 -5.59
C SER A 631 -31.03 -14.52 -7.10
N TYR A 632 -30.94 -15.65 -7.80
CA TYR A 632 -30.53 -15.71 -9.23
C TYR A 632 -31.15 -16.93 -9.90
N THR A 633 -31.81 -16.73 -11.04
CA THR A 633 -32.31 -17.79 -11.95
C THR A 633 -32.06 -17.40 -13.40
N ILE A 634 -32.01 -18.41 -14.27
CA ILE A 634 -31.88 -18.26 -15.74
C ILE A 634 -33.21 -18.74 -16.36
N GLY A 635 -33.94 -17.84 -17.02
CA GLY A 635 -35.30 -18.09 -17.53
C GLY A 635 -35.30 -19.07 -18.69
N LEU A 636 -36.15 -20.10 -18.62
CA LEU A 636 -36.50 -20.98 -19.76
C LEU A 636 -37.62 -20.33 -20.59
N ASN B 17 19.45 47.92 20.91
CA ASN B 17 19.16 46.90 19.86
C ASN B 17 20.28 46.95 18.82
N LEU B 18 21.18 45.96 18.82
CA LEU B 18 22.31 45.84 17.84
C LEU B 18 22.26 44.47 17.18
N PRO B 19 21.39 44.24 16.17
CA PRO B 19 21.33 42.97 15.45
C PRO B 19 22.37 42.90 14.32
N PRO B 20 23.52 42.22 14.53
CA PRO B 20 24.67 42.33 13.62
C PRO B 20 24.63 41.36 12.43
N ASN B 21 23.80 41.68 11.42
CA ASN B 21 23.62 40.85 10.19
C ASN B 21 23.09 39.47 10.60
N ALA B 22 21.98 39.45 11.34
CA ALA B 22 21.25 38.24 11.80
C ALA B 22 19.76 38.43 11.57
N PRO B 23 18.93 37.36 11.63
CA PRO B 23 17.48 37.51 11.49
C PRO B 23 16.89 38.49 12.51
N ALA B 24 15.97 39.34 12.07
CA ALA B 24 15.30 40.39 12.89
C ALA B 24 14.53 39.74 14.04
N CYS B 25 13.96 38.56 13.79
CA CYS B 25 13.03 37.83 14.71
C CYS B 25 13.43 36.35 14.81
N MET B 26 13.48 35.82 16.04
CA MET B 26 13.89 34.42 16.36
C MET B 26 12.64 33.55 16.53
N GLU B 27 12.63 32.35 15.92
CA GLU B 27 11.49 31.41 15.88
C GLU B 27 11.07 31.00 17.30
N ARG B 28 9.76 30.81 17.52
CA ARG B 28 9.12 30.63 18.85
C ARG B 28 9.72 29.41 19.58
N GLN B 29 9.93 28.31 18.87
CA GLN B 29 10.23 26.98 19.48
C GLN B 29 11.75 26.81 19.66
N LEU B 30 12.23 27.03 20.89
CA LEU B 30 13.64 26.83 21.30
C LEU B 30 13.85 25.34 21.61
N GLU B 31 14.74 24.68 20.87
CA GLU B 31 15.05 23.23 21.03
C GLU B 31 16.35 23.04 21.82
N ALA B 32 17.34 23.91 21.62
CA ALA B 32 18.74 23.70 22.07
C ALA B 32 19.23 24.88 22.93
N ALA B 33 19.88 24.57 24.05
CA ALA B 33 20.55 25.51 24.98
C ALA B 33 21.82 24.87 25.52
N ARG B 34 22.99 25.35 25.09
CA ARG B 34 24.33 24.76 25.38
C ARG B 34 25.34 25.86 25.70
N TYR B 35 25.92 25.87 26.90
CA TYR B 35 27.04 26.77 27.30
C TYR B 35 28.36 26.23 26.75
N ARG B 36 29.20 27.13 26.21
CA ARG B 36 30.60 26.88 25.78
C ARG B 36 31.50 26.92 27.02
N SER B 37 32.75 26.45 26.90
CA SER B 37 33.77 26.43 27.99
C SER B 37 33.86 27.81 28.68
N ASP B 38 33.84 28.89 27.89
CA ASP B 38 34.07 30.28 28.37
C ASP B 38 32.83 30.85 29.08
N GLY B 39 31.63 30.32 28.78
CA GLY B 39 30.37 30.70 29.46
C GLY B 39 29.38 31.44 28.57
N ALA B 40 29.68 31.55 27.27
CA ALA B 40 28.77 32.07 26.22
C ALA B 40 27.72 31.00 25.88
N LEU B 41 26.55 31.41 25.40
CA LEU B 41 25.35 30.52 25.24
C LEU B 41 24.99 30.34 23.77
N LEU B 42 25.05 29.09 23.30
CA LEU B 42 24.55 28.65 21.97
C LEU B 42 23.05 28.35 22.08
N LEU B 43 22.22 28.98 21.25
CA LEU B 43 20.77 28.69 21.11
C LEU B 43 20.48 28.12 19.72
N GLY B 44 19.73 27.02 19.66
CA GLY B 44 19.06 26.52 18.45
C GLY B 44 17.56 26.71 18.56
N ALA B 45 16.90 27.10 17.48
CA ALA B 45 15.44 27.39 17.43
C ALA B 45 14.87 27.05 16.06
N SER B 46 13.63 26.54 16.02
CA SER B 46 12.87 26.24 14.78
C SER B 46 11.45 26.80 14.87
N SER B 47 10.84 27.06 13.70
CA SER B 47 9.38 27.32 13.53
C SER B 47 8.68 26.00 13.23
N LEU B 48 7.87 25.51 14.18
CA LEU B 48 7.08 24.26 14.06
C LEU B 48 5.65 24.58 13.65
N SER B 49 5.36 25.86 13.36
CA SER B 49 4.01 26.35 12.97
C SER B 49 4.15 27.68 12.21
N GLY B 50 3.11 28.04 11.46
CA GLY B 50 3.05 29.28 10.66
C GLY B 50 3.51 29.04 9.22
N ARG B 51 3.47 30.10 8.41
CA ARG B 51 3.81 30.07 6.95
C ARG B 51 5.06 29.21 6.72
N CYS B 52 6.17 29.60 7.33
CA CYS B 52 7.53 29.08 7.03
C CYS B 52 8.04 28.23 8.20
N TRP B 53 8.50 27.00 7.91
CA TRP B 53 9.03 26.03 8.90
C TRP B 53 10.54 25.88 8.72
N ALA B 54 11.31 26.72 9.40
CA ALA B 54 12.79 26.78 9.27
C ALA B 54 13.42 26.84 10.66
N GLY B 55 14.72 27.13 10.73
CA GLY B 55 15.47 27.21 12.00
C GLY B 55 16.53 28.29 11.97
N SER B 56 17.14 28.55 13.13
CA SER B 56 18.18 29.57 13.34
C SER B 56 19.12 29.13 14.46
N LEU B 57 20.40 29.52 14.36
CA LEU B 57 21.44 29.36 15.40
C LEU B 57 21.77 30.76 15.94
N TRP B 58 22.01 30.88 17.25
CA TRP B 58 22.30 32.16 17.94
C TRP B 58 23.42 31.94 18.97
N LEU B 59 24.35 32.90 19.06
CA LEU B 59 25.37 32.98 20.13
C LEU B 59 25.07 34.20 21.01
N PHE B 60 24.96 34.00 22.32
CA PHE B 60 24.71 35.05 23.34
C PHE B 60 25.85 35.07 24.35
N LYS B 61 26.85 35.94 24.10
CA LYS B 61 28.00 36.17 25.01
C LYS B 61 27.49 36.76 26.34
N ASP B 62 26.30 37.36 26.32
CA ASP B 62 25.53 37.74 27.54
C ASP B 62 24.40 36.73 27.72
N PRO B 63 24.59 35.67 28.54
CA PRO B 63 23.53 34.71 28.84
C PRO B 63 22.19 35.33 29.21
N CYS B 64 22.21 36.40 30.01
CA CYS B 64 21.00 37.04 30.62
C CYS B 64 20.29 37.96 29.61
N ALA B 65 20.91 38.26 28.47
CA ALA B 65 20.35 39.10 27.39
C ALA B 65 19.36 38.30 26.54
N ALA B 66 19.63 37.00 26.36
CA ALA B 66 18.78 36.05 25.58
C ALA B 66 17.41 35.91 26.24
N PRO B 67 16.31 35.68 25.47
CA PRO B 67 16.39 35.32 24.05
C PRO B 67 16.39 36.48 23.05
N ASN B 68 16.38 37.72 23.53
CA ASN B 68 16.22 38.97 22.72
C ASN B 68 17.23 39.00 21.57
N GLU B 69 16.73 39.07 20.33
CA GLU B 69 17.53 38.97 19.07
C GLU B 69 18.48 40.17 18.94
N GLY B 70 18.15 41.30 19.56
CA GLY B 70 18.85 42.59 19.44
C GLY B 70 20.18 42.61 20.20
N PHE B 71 20.22 42.06 21.41
CA PHE B 71 21.43 41.98 22.27
C PHE B 71 22.13 40.65 21.97
N CYS B 72 22.53 40.50 20.71
CA CYS B 72 23.02 39.24 20.07
C CYS B 72 24.49 39.38 19.68
N SER B 73 25.31 38.37 20.02
CA SER B 73 26.72 38.24 19.58
C SER B 73 26.74 37.84 18.09
N ALA B 74 25.98 36.82 17.71
CA ALA B 74 25.87 36.30 16.31
C ALA B 74 24.57 35.50 16.13
N GLY B 75 24.10 35.39 14.88
CA GLY B 75 22.88 34.65 14.50
C GLY B 75 22.79 34.42 13.00
N VAL B 76 22.20 33.29 12.57
CA VAL B 76 21.97 32.95 11.14
C VAL B 76 20.70 32.08 11.03
N GLN B 77 20.11 32.04 9.83
CA GLN B 77 18.97 31.15 9.46
C GLN B 77 19.50 29.88 8.78
N THR B 78 18.98 28.72 9.18
CA THR B 78 19.12 27.41 8.48
C THR B 78 17.91 27.22 7.56
N GLU B 79 18.08 26.47 6.47
CA GLU B 79 16.99 26.16 5.48
C GLU B 79 15.77 25.59 6.22
N ALA B 80 15.99 24.64 7.14
CA ALA B 80 14.94 23.85 7.82
C ALA B 80 15.13 23.95 9.35
N GLY B 81 14.34 23.19 10.11
CA GLY B 81 14.30 23.21 11.58
C GLY B 81 15.55 22.63 12.21
N VAL B 82 15.68 22.78 13.53
CA VAL B 82 16.80 22.33 14.38
C VAL B 82 16.24 21.31 15.39
N ALA B 83 16.32 20.02 15.07
CA ALA B 83 15.87 18.90 15.91
C ALA B 83 16.82 18.76 17.11
N ASP B 84 18.12 18.81 16.84
CA ASP B 84 19.21 18.75 17.86
C ASP B 84 20.39 19.57 17.32
N LEU B 85 21.28 20.02 18.21
CA LEU B 85 22.64 20.51 17.85
C LEU B 85 23.61 20.17 18.97
N THR B 86 24.88 20.51 18.78
CA THR B 86 25.91 20.54 19.85
C THR B 86 27.14 21.31 19.35
N TRP B 87 27.90 21.86 20.29
CA TRP B 87 29.25 22.44 20.08
C TRP B 87 30.18 21.36 19.47
N VAL B 88 30.96 21.73 18.46
CA VAL B 88 32.19 21.00 18.02
C VAL B 88 33.38 21.81 18.54
N GLY B 89 33.82 21.54 19.76
CA GLY B 89 34.85 22.31 20.47
C GLY B 89 34.36 23.68 20.87
N GLU B 90 34.93 24.74 20.29
CA GLU B 90 34.74 26.15 20.71
C GLU B 90 34.16 27.00 19.58
N ARG B 91 34.55 26.74 18.33
CA ARG B 91 34.13 27.51 17.13
C ARG B 91 32.93 26.85 16.42
N GLY B 92 32.83 25.52 16.46
CA GLY B 92 31.93 24.72 15.60
C GLY B 92 30.57 24.43 16.25
N ILE B 93 29.53 24.29 15.43
CA ILE B 93 28.13 23.94 15.83
C ILE B 93 27.60 22.87 14.87
N LEU B 94 27.36 21.64 15.37
CA LEU B 94 26.85 20.50 14.56
C LEU B 94 25.33 20.43 14.70
N VAL B 95 24.60 20.32 13.58
CA VAL B 95 23.12 20.55 13.53
C VAL B 95 22.42 19.34 12.91
N ALA B 96 21.40 18.84 13.61
CA ALA B 96 20.43 17.82 13.12
C ALA B 96 19.24 18.53 12.48
N SER B 97 19.17 18.53 11.13
CA SER B 97 18.11 19.18 10.32
C SER B 97 16.87 18.29 10.22
N ASP B 98 15.74 18.89 9.83
CA ASP B 98 14.52 18.16 9.36
C ASP B 98 14.76 17.68 7.92
N SER B 99 15.67 18.33 7.19
CA SER B 99 15.96 18.08 5.75
C SER B 99 16.54 16.67 5.54
N GLY B 100 16.99 16.02 6.62
CA GLY B 100 17.74 14.75 6.56
C GLY B 100 19.23 15.01 6.47
N ALA B 101 19.63 16.28 6.59
CA ALA B 101 21.03 16.73 6.53
C ALA B 101 21.58 16.88 7.95
N VAL B 102 22.81 16.41 8.14
CA VAL B 102 23.73 16.87 9.23
C VAL B 102 24.55 18.03 8.64
N GLU B 103 24.55 19.19 9.29
CA GLU B 103 25.31 20.37 8.79
C GLU B 103 26.20 20.93 9.91
N LEU B 104 27.42 21.31 9.53
CA LEU B 104 28.42 21.95 10.42
C LEU B 104 28.49 23.43 10.08
N TRP B 105 28.12 24.28 11.05
CA TRP B 105 28.37 25.75 11.08
C TRP B 105 29.49 26.00 12.10
N GLU B 106 30.44 26.89 11.77
CA GLU B 106 31.47 27.37 12.74
C GLU B 106 31.53 28.90 12.68
N LEU B 107 31.73 29.54 13.84
CA LEU B 107 31.90 31.00 14.00
C LEU B 107 33.13 31.45 13.21
N ASP B 108 33.09 32.66 12.62
CA ASP B 108 34.28 33.33 12.03
C ASP B 108 35.22 33.75 13.18
N GLU B 109 36.38 34.30 12.84
CA GLU B 109 37.47 34.64 13.81
C GLU B 109 36.96 35.66 14.84
N ASN B 110 36.19 36.66 14.38
CA ASN B 110 35.61 37.74 15.22
C ASN B 110 34.51 37.17 16.13
N GLU B 111 33.87 36.07 15.71
CA GLU B 111 32.68 35.44 16.37
C GLU B 111 31.49 36.39 16.27
N THR B 112 31.28 36.99 15.09
CA THR B 112 30.15 37.89 14.78
C THR B 112 29.25 37.26 13.70
N LEU B 113 29.84 36.49 12.76
CA LEU B 113 29.10 35.69 11.75
C LEU B 113 29.13 34.20 12.14
N ILE B 114 28.15 33.43 11.64
CA ILE B 114 28.08 31.95 11.74
C ILE B 114 27.93 31.40 10.32
N VAL B 115 28.94 30.69 9.81
CA VAL B 115 29.05 30.29 8.38
C VAL B 115 28.93 28.75 8.29
N SER B 116 28.13 28.27 7.34
CA SER B 116 28.01 26.84 6.97
C SER B 116 29.33 26.38 6.31
N LYS B 117 29.96 25.34 6.87
CA LYS B 117 31.17 24.71 6.27
C LYS B 117 30.73 23.55 5.37
N PHE B 118 29.81 22.70 5.85
CA PHE B 118 29.21 21.59 5.05
C PHE B 118 27.75 21.35 5.45
N CYS B 119 26.95 21.00 4.45
CA CYS B 119 25.53 20.54 4.55
C CYS B 119 25.39 19.27 3.71
N LYS B 120 25.28 18.10 4.35
CA LYS B 120 25.28 16.77 3.67
C LYS B 120 23.95 16.05 3.93
N TYR B 121 23.15 15.87 2.87
CA TYR B 121 21.81 15.21 2.89
C TYR B 121 22.02 13.70 2.80
N GLU B 122 22.30 13.05 3.94
CA GLU B 122 22.72 11.63 4.04
C GLU B 122 21.60 10.77 4.65
N HIS B 123 20.80 11.33 5.56
CA HIS B 123 19.62 10.66 6.19
C HIS B 123 18.38 10.84 5.30
N ASP B 124 17.47 9.86 5.30
CA ASP B 124 16.30 9.78 4.39
C ASP B 124 15.05 10.36 5.08
N ASP B 125 15.12 10.67 6.37
CA ASP B 125 14.05 11.34 7.16
C ASP B 125 14.73 12.34 8.10
N ILE B 126 13.94 13.11 8.85
CA ILE B 126 14.43 14.07 9.89
C ILE B 126 15.60 13.43 10.64
N VAL B 127 16.68 14.21 10.85
CA VAL B 127 17.79 13.90 11.79
C VAL B 127 17.32 14.36 13.18
N SER B 128 17.22 13.46 14.14
CA SER B 128 16.52 13.67 15.43
C SER B 128 17.52 13.90 16.58
N THR B 129 18.73 13.36 16.46
CA THR B 129 19.76 13.34 17.54
C THR B 129 21.15 13.39 16.92
N VAL B 130 22.08 14.10 17.56
CA VAL B 130 23.51 14.20 17.14
C VAL B 130 24.37 14.40 18.39
N SER B 131 25.56 13.79 18.40
CA SER B 131 26.53 13.80 19.53
C SER B 131 27.96 13.79 18.99
N VAL B 132 28.83 14.67 19.51
CA VAL B 132 30.29 14.69 19.20
C VAL B 132 30.99 13.65 20.06
N LEU B 133 31.85 12.83 19.45
CA LEU B 133 32.62 11.75 20.13
C LEU B 133 33.84 12.35 20.86
N SER B 134 34.42 11.57 21.77
CA SER B 134 35.46 12.00 22.76
C SER B 134 36.59 12.80 22.08
N SER B 135 37.13 12.32 20.95
CA SER B 135 38.24 12.97 20.20
C SER B 135 37.82 14.36 19.73
N GLY B 136 36.57 14.51 19.26
CA GLY B 136 36.02 15.77 18.74
C GLY B 136 36.25 15.94 17.25
N THR B 137 36.78 14.90 16.58
CA THR B 137 37.02 14.85 15.11
C THR B 137 35.96 13.97 14.43
N GLN B 138 35.22 13.18 15.22
CA GLN B 138 34.12 12.30 14.77
C GLN B 138 32.83 12.66 15.51
N ALA B 139 31.68 12.38 14.90
CA ALA B 139 30.34 12.55 15.52
C ALA B 139 29.39 11.46 14.99
N VAL B 140 28.36 11.15 15.77
CA VAL B 140 27.30 10.17 15.44
C VAL B 140 25.95 10.91 15.39
N SER B 141 25.17 10.65 14.34
CA SER B 141 23.80 11.18 14.11
C SER B 141 22.78 10.04 14.20
N GLY B 142 21.58 10.32 14.71
CA GLY B 142 20.41 9.41 14.69
C GLY B 142 19.24 10.07 13.99
N SER B 143 18.40 9.28 13.32
CA SER B 143 17.30 9.76 12.42
C SER B 143 16.03 8.91 12.56
N LYS B 144 14.90 9.48 12.15
CA LYS B 144 13.58 8.81 12.05
C LYS B 144 13.63 7.74 10.94
N ASP B 145 14.60 7.84 10.02
CA ASP B 145 14.84 6.83 8.96
C ASP B 145 15.41 5.53 9.56
N ILE B 146 15.59 5.51 10.88
CA ILE B 146 15.94 4.29 11.70
C ILE B 146 17.46 4.05 11.70
N CYS B 147 18.21 4.79 10.87
CA CYS B 147 19.69 4.66 10.75
C CYS B 147 20.43 5.48 11.82
N ILE B 148 21.65 5.05 12.14
CA ILE B 148 22.67 5.78 12.95
C ILE B 148 23.95 5.87 12.11
N LYS B 149 24.51 7.07 11.96
CA LYS B 149 25.70 7.33 11.09
C LYS B 149 26.85 7.89 11.92
N VAL B 150 28.07 7.43 11.67
CA VAL B 150 29.34 7.97 12.24
C VAL B 150 30.01 8.86 11.18
N TRP B 151 30.29 10.11 11.53
CA TRP B 151 30.76 11.16 10.60
C TRP B 151 32.25 11.46 10.82
N ASP B 152 33.02 11.64 9.74
CA ASP B 152 34.35 12.31 9.78
C ASP B 152 34.13 13.81 9.57
N LEU B 153 34.24 14.60 10.66
CA LEU B 153 34.04 16.08 10.64
C LEU B 153 35.17 16.74 9.85
N ALA B 154 36.32 16.09 9.74
CA ALA B 154 37.49 16.52 8.93
C ALA B 154 37.13 16.46 7.44
N GLN B 155 36.72 15.30 6.94
CA GLN B 155 36.54 15.01 5.48
C GLN B 155 35.09 15.29 5.04
N GLN B 156 34.19 15.56 5.98
CA GLN B 156 32.76 15.88 5.72
C GLN B 156 32.10 14.68 5.00
N VAL B 157 32.20 13.48 5.58
CA VAL B 157 31.65 12.21 5.00
C VAL B 157 31.12 11.31 6.12
N VAL B 158 30.23 10.38 5.75
CA VAL B 158 29.77 9.23 6.58
C VAL B 158 30.82 8.11 6.43
N LEU B 159 31.54 7.80 7.52
CA LEU B 159 32.49 6.66 7.56
C LEU B 159 31.68 5.36 7.63
N SER B 160 30.70 5.30 8.54
CA SER B 160 29.85 4.11 8.82
C SER B 160 28.38 4.52 8.84
N SER B 161 27.51 3.66 8.30
CA SER B 161 26.02 3.80 8.31
C SER B 161 25.39 2.49 8.81
N TYR B 162 24.76 2.53 10.00
CA TYR B 162 24.19 1.34 10.70
C TYR B 162 22.65 1.43 10.76
N ARG B 163 21.96 0.42 10.24
CA ARG B 163 20.52 0.15 10.48
C ARG B 163 20.41 -0.98 11.53
N ALA B 164 20.68 -0.65 12.79
CA ALA B 164 20.64 -1.59 13.93
C ALA B 164 19.20 -1.71 14.46
N HIS B 165 18.48 -0.59 14.45
CA HIS B 165 17.14 -0.43 15.06
C HIS B 165 16.02 -0.82 14.09
N ALA B 166 14.79 -0.98 14.61
CA ALA B 166 13.58 -1.37 13.86
C ALA B 166 12.57 -0.22 13.81
N ALA B 167 12.81 0.88 14.54
CA ALA B 167 11.97 2.09 14.57
C ALA B 167 12.86 3.34 14.63
N GLN B 168 12.24 4.52 14.64
CA GLN B 168 12.91 5.84 14.76
C GLN B 168 13.98 5.78 15.87
N VAL B 169 15.17 6.32 15.59
CA VAL B 169 16.23 6.55 16.60
C VAL B 169 15.87 7.83 17.35
N THR B 170 15.77 7.76 18.67
CA THR B 170 15.28 8.86 19.55
C THR B 170 16.44 9.75 19.99
N CYS B 171 17.55 9.13 20.40
CA CYS B 171 18.68 9.78 21.09
C CYS B 171 19.97 8.95 20.93
N VAL B 172 21.08 9.60 20.60
CA VAL B 172 22.45 9.01 20.60
C VAL B 172 23.34 9.87 21.49
N ALA B 173 24.15 9.23 22.35
CA ALA B 173 25.08 9.89 23.29
C ALA B 173 26.48 9.25 23.18
N ALA B 174 27.47 10.03 22.74
CA ALA B 174 28.90 9.66 22.64
C ALA B 174 29.46 9.40 24.04
N SER B 175 30.33 8.40 24.19
CA SER B 175 31.11 8.12 25.43
C SER B 175 31.92 9.36 25.79
N PRO B 176 31.99 9.76 27.08
CA PRO B 176 32.84 10.89 27.49
C PRO B 176 34.28 10.79 26.94
N HIS B 177 34.95 9.65 27.16
CA HIS B 177 36.43 9.50 27.01
C HIS B 177 36.83 8.37 26.05
N LYS B 178 35.88 7.82 25.28
CA LYS B 178 36.14 6.70 24.32
C LYS B 178 35.56 7.05 22.95
N ASP B 179 36.41 7.16 21.93
CA ASP B 179 36.06 7.69 20.58
C ASP B 179 35.28 6.63 19.78
N SER B 180 35.19 5.39 20.28
CA SER B 180 34.58 4.22 19.59
C SER B 180 33.23 3.85 20.23
N VAL B 181 32.94 4.33 21.44
CA VAL B 181 31.74 3.92 22.23
C VAL B 181 30.71 5.06 22.21
N PHE B 182 29.42 4.68 22.15
CA PHE B 182 28.25 5.59 22.34
C PHE B 182 26.99 4.76 22.58
N LEU B 183 26.04 5.35 23.31
CA LEU B 183 24.68 4.79 23.52
C LEU B 183 23.77 5.32 22.44
N SER B 184 22.82 4.49 21.97
CA SER B 184 21.63 4.90 21.20
C SER B 184 20.39 4.30 21.87
N CYS B 185 19.20 4.84 21.55
CA CYS B 185 17.90 4.29 21.99
C CYS B 185 16.80 4.73 21.01
N SER B 186 15.84 3.82 20.78
CA SER B 186 14.86 3.85 19.66
C SER B 186 13.48 3.45 20.18
N GLU B 187 12.45 3.68 19.36
CA GLU B 187 11.04 3.35 19.67
C GLU B 187 10.80 1.83 19.48
N ASP B 188 11.82 1.09 19.01
CA ASP B 188 11.84 -0.39 18.99
C ASP B 188 12.15 -0.93 20.39
N ASN B 189 12.28 -0.02 21.37
CA ASN B 189 12.41 -0.35 22.82
C ASN B 189 13.80 -0.92 23.12
N ARG B 190 14.78 -0.69 22.23
CA ARG B 190 16.20 -1.10 22.43
C ARG B 190 17.01 0.09 22.95
N ILE B 191 17.86 -0.16 23.94
CA ILE B 191 19.05 0.68 24.27
C ILE B 191 20.29 -0.09 23.81
N LEU B 192 20.95 0.38 22.75
CA LEU B 192 22.18 -0.23 22.19
C LEU B 192 23.41 0.48 22.77
N LEU B 193 24.28 -0.27 23.44
CA LEU B 193 25.67 0.14 23.80
C LEU B 193 26.57 -0.21 22.60
N TRP B 194 27.07 0.80 21.90
CA TRP B 194 27.92 0.62 20.69
C TRP B 194 29.39 0.57 21.11
N ASP B 195 30.21 -0.02 20.24
CA ASP B 195 31.69 -0.05 20.30
C ASP B 195 32.18 -0.43 18.90
N THR B 196 32.57 0.57 18.09
CA THR B 196 32.92 0.42 16.65
C THR B 196 34.17 -0.44 16.48
N ARG B 197 34.78 -0.92 17.57
CA ARG B 197 35.97 -1.82 17.56
C ARG B 197 35.52 -3.27 17.33
N CYS B 198 34.36 -3.67 17.89
CA CYS B 198 33.75 -5.01 17.72
C CYS B 198 33.20 -5.18 16.31
N PRO B 199 33.42 -6.35 15.65
CA PRO B 199 32.94 -6.55 14.28
C PRO B 199 31.42 -6.54 14.16
N LYS B 200 30.72 -6.88 15.25
CA LYS B 200 29.26 -6.59 15.46
C LYS B 200 29.16 -5.45 16.46
N PRO B 201 29.23 -4.19 15.98
CA PRO B 201 29.46 -3.03 16.85
C PRO B 201 28.49 -2.80 18.03
N ALA B 202 27.19 -3.10 17.86
CA ALA B 202 26.14 -2.80 18.85
C ALA B 202 25.93 -3.98 19.80
N SER B 203 25.42 -3.71 21.00
CA SER B 203 25.03 -4.70 22.03
C SER B 203 23.77 -4.20 22.75
N GLN B 204 22.72 -5.02 22.79
CA GLN B 204 21.43 -4.69 23.45
C GLN B 204 21.62 -4.83 24.96
N ILE B 205 21.03 -3.94 25.76
CA ILE B 205 21.11 -3.95 27.25
C ILE B 205 19.76 -3.53 27.84
N GLY B 206 19.35 -4.18 28.94
CA GLY B 206 18.01 -4.05 29.54
C GLY B 206 17.11 -5.21 29.14
N CYS B 207 16.46 -5.86 30.11
CA CYS B 207 15.82 -7.20 29.95
C CYS B 207 14.34 -7.08 29.57
N SER B 208 13.53 -6.38 30.37
CA SER B 208 12.04 -6.35 30.27
C SER B 208 11.61 -5.92 28.86
N ALA B 209 10.89 -6.81 28.16
CA ALA B 209 10.23 -6.57 26.86
C ALA B 209 9.08 -5.57 27.02
N PRO B 210 8.30 -5.60 28.13
CA PRO B 210 7.23 -4.61 28.34
C PRO B 210 7.63 -3.30 29.03
N GLY B 211 8.94 -3.08 29.25
CA GLY B 211 9.49 -1.82 29.78
C GLY B 211 9.23 -0.66 28.81
N TYR B 212 8.82 0.49 29.33
CA TYR B 212 8.38 1.68 28.55
C TYR B 212 9.54 2.18 27.68
N LEU B 213 9.21 2.72 26.50
CA LEU B 213 10.18 3.14 25.44
C LEU B 213 11.18 4.12 26.05
N PRO B 214 12.49 3.98 25.73
CA PRO B 214 13.52 4.90 26.21
C PRO B 214 13.55 6.18 25.37
N THR B 215 13.53 7.35 26.01
CA THR B 215 13.37 8.69 25.37
C THR B 215 14.63 9.55 25.51
N SER B 216 15.43 9.41 26.57
CA SER B 216 16.63 10.25 26.82
C SER B 216 17.79 9.42 27.39
N LEU B 217 19.03 9.86 27.15
CA LEU B 217 20.29 9.21 27.61
C LEU B 217 21.30 10.26 28.07
N ALA B 218 22.03 9.99 29.15
CA ALA B 218 23.23 10.74 29.59
C ALA B 218 24.24 9.77 30.23
N TRP B 219 25.43 9.68 29.64
CA TRP B 219 26.64 9.08 30.28
C TRP B 219 26.95 9.84 31.57
N HIS B 220 27.31 9.14 32.64
CA HIS B 220 27.89 9.73 33.88
C HIS B 220 29.29 10.25 33.52
N PRO B 221 29.64 11.50 33.89
CA PRO B 221 30.91 12.08 33.44
C PRO B 221 32.14 11.46 34.12
N GLN B 222 32.01 10.91 35.34
CA GLN B 222 33.12 10.32 36.12
C GLN B 222 33.22 8.82 35.82
N GLN B 223 32.13 8.09 36.04
CA GLN B 223 32.06 6.60 36.04
C GLN B 223 31.70 6.14 34.61
N SER B 224 32.70 6.04 33.74
CA SER B 224 32.56 5.96 32.26
C SER B 224 31.88 4.66 31.82
N GLU B 225 31.37 3.86 32.77
CA GLU B 225 30.62 2.61 32.48
C GLU B 225 29.25 2.65 33.18
N VAL B 226 28.79 3.86 33.56
CA VAL B 226 27.43 4.14 34.10
C VAL B 226 26.77 5.18 33.20
N PHE B 227 25.45 5.08 33.01
CA PHE B 227 24.62 6.10 32.32
C PHE B 227 23.22 6.10 32.93
N VAL B 228 22.42 7.10 32.56
CA VAL B 228 20.98 7.24 32.94
C VAL B 228 20.16 7.31 31.65
N PHE B 229 18.95 6.76 31.66
CA PHE B 229 17.97 6.85 30.55
C PHE B 229 16.60 7.20 31.13
N GLY B 230 15.89 8.13 30.46
CA GLY B 230 14.49 8.46 30.76
C GLY B 230 13.55 7.74 29.83
N ASP B 231 12.40 7.27 30.33
CA ASP B 231 11.38 6.55 29.52
C ASP B 231 10.23 7.52 29.21
N GLU B 232 9.39 7.14 28.24
CA GLU B 232 8.23 7.93 27.75
C GLU B 232 7.15 8.08 28.84
N ASN B 233 7.34 7.44 30.00
CA ASN B 233 6.34 7.40 31.11
C ASN B 233 6.82 8.24 32.31
N GLY B 234 7.93 8.98 32.16
CA GLY B 234 8.41 9.96 33.16
C GLY B 234 9.44 9.38 34.13
N THR B 235 9.72 8.07 34.05
CA THR B 235 10.71 7.37 34.90
C THR B 235 12.12 7.73 34.43
N VAL B 236 12.99 8.14 35.35
CA VAL B 236 14.46 8.24 35.16
C VAL B 236 15.10 7.02 35.82
N SER B 237 16.09 6.40 35.17
CA SER B 237 16.71 5.13 35.61
C SER B 237 18.24 5.23 35.55
N LEU B 238 18.91 4.66 36.56
CA LEU B 238 20.39 4.63 36.70
C LEU B 238 20.89 3.21 36.39
N VAL B 239 21.71 3.08 35.35
CA VAL B 239 22.23 1.77 34.83
C VAL B 239 23.76 1.75 34.96
N ASP B 240 24.28 0.69 35.55
CA ASP B 240 25.72 0.30 35.50
C ASP B 240 25.83 -0.82 34.46
N THR B 241 26.76 -0.70 33.51
CA THR B 241 27.02 -1.74 32.47
C THR B 241 27.47 -3.05 33.15
N LYS B 242 28.37 -2.94 34.12
CA LYS B 242 28.98 -4.07 34.86
C LYS B 242 27.89 -4.72 35.72
N SER B 243 27.05 -3.90 36.34
CA SER B 243 25.90 -4.40 37.15
C SER B 243 24.85 -5.02 36.23
N THR B 244 24.69 -4.43 35.05
CA THR B 244 23.70 -4.90 34.06
C THR B 244 22.28 -4.74 34.60
N SER B 245 21.51 -5.83 34.62
CA SER B 245 20.05 -5.81 34.93
C SER B 245 19.72 -5.13 36.28
N CYS B 246 20.56 -5.25 37.32
CA CYS B 246 20.35 -4.58 38.64
C CYS B 246 20.28 -3.05 38.44
N VAL B 247 19.20 -2.39 38.86
CA VAL B 247 18.91 -0.96 38.52
C VAL B 247 18.32 -0.21 39.72
N LEU B 248 18.54 1.11 39.73
CA LEU B 248 17.91 2.13 40.63
C LEU B 248 17.11 3.10 39.75
N SER B 249 15.89 3.49 40.14
CA SER B 249 14.98 4.35 39.34
C SER B 249 14.03 5.17 40.23
N SER B 250 13.50 6.27 39.69
CA SER B 250 12.48 7.14 40.33
C SER B 250 11.49 7.68 39.28
N ALA B 251 10.19 7.59 39.58
CA ALA B 251 9.09 8.20 38.79
C ALA B 251 9.12 9.71 39.02
N VAL B 252 9.93 10.42 38.23
CA VAL B 252 10.25 11.87 38.43
C VAL B 252 9.15 12.72 37.77
N HIS B 253 8.79 12.41 36.52
CA HIS B 253 7.89 13.22 35.67
C HIS B 253 6.54 12.52 35.48
N SER B 254 5.51 13.28 35.08
CA SER B 254 4.14 12.81 34.79
C SER B 254 3.99 12.50 33.30
N GLN B 255 4.82 13.14 32.45
CA GLN B 255 4.90 12.89 30.99
C GLN B 255 6.33 12.48 30.62
N CYS B 256 6.56 12.22 29.34
CA CYS B 256 7.85 11.82 28.70
C CYS B 256 9.04 12.57 29.31
N VAL B 257 10.19 11.89 29.45
CA VAL B 257 11.50 12.49 29.84
C VAL B 257 12.25 12.86 28.55
N THR B 258 12.34 14.15 28.23
CA THR B 258 12.92 14.67 26.96
C THR B 258 14.45 14.63 27.00
N GLY B 259 15.05 14.98 28.14
CA GLY B 259 16.50 15.23 28.25
C GLY B 259 17.03 14.97 29.66
N LEU B 260 18.28 14.53 29.75
CA LEU B 260 19.04 14.32 31.01
C LEU B 260 20.43 14.93 30.83
N VAL B 261 20.80 15.89 31.70
CA VAL B 261 22.11 16.60 31.64
C VAL B 261 22.71 16.65 33.05
N PHE B 262 23.90 16.08 33.21
CA PHE B 262 24.69 16.05 34.47
C PHE B 262 25.41 17.40 34.64
N SER B 263 25.52 17.87 35.88
CA SER B 263 26.22 19.14 36.26
C SER B 263 27.73 18.96 36.13
N PRO B 264 28.51 20.06 36.03
CA PRO B 264 29.98 19.98 36.00
C PRO B 264 30.59 19.79 37.39
N HIS B 265 29.75 19.75 38.45
CA HIS B 265 30.13 19.54 39.87
C HIS B 265 31.03 18.31 40.04
N SER B 266 31.72 18.22 41.18
CA SER B 266 32.65 17.13 41.56
C SER B 266 31.87 15.82 41.74
N VAL B 267 30.89 15.79 42.65
CA VAL B 267 29.86 14.71 42.76
C VAL B 267 28.58 15.26 42.12
N PRO B 268 28.28 14.90 40.86
CA PRO B 268 27.39 15.72 40.01
C PRO B 268 25.90 15.49 40.28
N PHE B 269 25.10 16.51 39.92
CA PHE B 269 23.61 16.51 39.97
C PHE B 269 23.06 16.23 38.57
N LEU B 270 21.83 15.71 38.48
CA LEU B 270 21.17 15.32 37.21
C LEU B 270 19.94 16.20 36.98
N ALA B 271 20.00 17.08 35.97
CA ALA B 271 18.85 17.83 35.42
C ALA B 271 18.03 16.88 34.54
N SER B 272 16.71 16.82 34.76
CA SER B 272 15.77 16.02 33.94
C SER B 272 14.67 16.93 33.36
N LEU B 273 14.52 16.91 32.03
CA LEU B 273 13.52 17.66 31.26
C LEU B 273 12.29 16.78 31.02
N SER B 274 11.16 17.39 30.64
CA SER B 274 9.89 16.65 30.39
C SER B 274 8.92 17.50 29.56
N GLU B 275 7.94 16.82 28.95
CA GLU B 275 6.81 17.43 28.21
C GLU B 275 5.72 17.84 29.21
N ASP B 276 5.89 17.49 30.49
CA ASP B 276 5.04 18.01 31.61
C ASP B 276 5.46 19.45 31.95
N CYS B 277 6.47 19.98 31.23
CA CYS B 277 6.89 21.42 31.23
C CYS B 277 7.67 21.76 32.50
N SER B 278 8.01 20.76 33.32
CA SER B 278 8.79 20.93 34.57
C SER B 278 10.27 20.62 34.31
N LEU B 279 11.16 21.16 35.14
CA LEU B 279 12.58 20.75 35.31
C LEU B 279 12.71 20.11 36.69
N ALA B 280 13.47 19.02 36.80
CA ALA B 280 13.92 18.44 38.07
C ALA B 280 15.45 18.53 38.13
N VAL B 281 16.00 18.49 39.34
CA VAL B 281 17.45 18.32 39.61
C VAL B 281 17.59 17.24 40.70
N LEU B 282 18.43 16.24 40.46
CA LEU B 282 18.54 15.01 41.29
C LEU B 282 20.00 14.76 41.67
N ASP B 283 20.22 14.09 42.81
CA ASP B 283 21.53 13.57 43.26
C ASP B 283 21.75 12.19 42.62
N SER B 284 22.79 11.46 43.04
CA SER B 284 23.20 10.15 42.46
C SER B 284 22.42 9.00 43.11
N SER B 285 21.46 9.29 44.00
CA SER B 285 20.44 8.32 44.49
C SER B 285 19.09 8.58 43.77
N LEU B 286 19.04 9.61 42.93
CA LEU B 286 17.88 10.05 42.10
C LEU B 286 16.76 10.63 42.98
N SER B 287 17.07 11.05 44.21
CA SER B 287 16.15 11.82 45.09
C SER B 287 16.05 13.26 44.56
N GLU B 288 14.90 13.91 44.77
CA GLU B 288 14.53 15.22 44.16
C GLU B 288 15.04 16.35 45.05
N LEU B 289 15.93 17.20 44.51
CA LEU B 289 16.50 18.39 45.21
C LEU B 289 15.71 19.65 44.79
N PHE B 290 15.72 19.97 43.49
CA PHE B 290 15.05 21.17 42.91
C PHE B 290 13.87 20.75 42.02
N ARG B 291 13.00 21.72 41.72
CA ARG B 291 11.80 21.61 40.85
C ARG B 291 11.56 22.97 40.20
N SER B 292 10.87 23.03 39.06
CA SER B 292 10.55 24.31 38.38
C SER B 292 9.39 24.17 37.39
N GLN B 293 8.24 24.76 37.74
CA GLN B 293 7.07 24.96 36.84
C GLN B 293 7.24 26.25 36.03
N ALA B 294 8.45 26.83 36.03
CA ALA B 294 8.81 28.11 35.37
C ALA B 294 8.30 28.12 33.93
N HIS B 295 8.47 27.01 33.21
CA HIS B 295 8.08 26.88 31.79
C HIS B 295 6.57 26.62 31.67
N ARG B 296 5.95 27.17 30.62
CA ARG B 296 4.49 27.05 30.32
C ARG B 296 4.27 26.17 29.08
N ASP B 297 5.34 25.71 28.44
CA ASP B 297 5.31 24.73 27.31
C ASP B 297 6.42 23.70 27.57
N PHE B 298 6.70 22.82 26.60
CA PHE B 298 7.71 21.74 26.72
C PHE B 298 9.09 22.34 27.01
N VAL B 299 9.86 21.67 27.88
CA VAL B 299 11.29 21.97 28.21
C VAL B 299 12.16 21.11 27.30
N ARG B 300 13.07 21.73 26.54
CA ARG B 300 13.76 21.10 25.39
C ARG B 300 15.27 20.93 25.63
N ASP B 301 15.89 21.76 26.48
CA ASP B 301 17.31 21.58 26.88
C ASP B 301 17.54 22.12 28.30
N ALA B 302 18.64 21.64 28.92
CA ALA B 302 19.27 22.21 30.13
C ALA B 302 20.79 22.25 29.89
N THR B 303 21.44 23.35 30.30
CA THR B 303 22.91 23.53 30.23
C THR B 303 23.36 24.26 31.50
N TRP B 304 24.33 23.68 32.21
CA TRP B 304 24.93 24.22 33.46
C TRP B 304 26.01 25.24 33.11
N SER B 305 26.02 26.40 33.76
CA SER B 305 27.06 27.45 33.61
C SER B 305 28.42 26.87 33.99
N PRO B 306 29.45 27.00 33.13
CA PRO B 306 30.81 26.58 33.48
C PRO B 306 31.36 27.47 34.62
N LEU B 307 30.98 28.75 34.60
CA LEU B 307 31.54 29.83 35.46
C LEU B 307 30.95 29.73 36.88
N ASN B 308 29.64 29.47 36.99
CA ASN B 308 28.94 29.26 38.28
C ASN B 308 28.14 27.95 38.22
N HIS B 309 28.64 26.91 38.89
CA HIS B 309 28.06 25.54 38.89
C HIS B 309 26.67 25.53 39.57
N SER B 310 26.31 26.60 40.30
CA SER B 310 24.97 26.78 40.92
C SER B 310 23.92 27.10 39.86
N LEU B 311 24.31 27.79 38.78
CA LEU B 311 23.39 28.27 37.72
C LEU B 311 23.05 27.11 36.76
N LEU B 312 21.82 27.10 36.24
CA LEU B 312 21.30 26.08 35.27
C LEU B 312 20.28 26.76 34.33
N THR B 313 20.62 26.87 33.04
CA THR B 313 19.81 27.57 32.00
C THR B 313 18.96 26.54 31.25
N THR B 314 17.63 26.71 31.25
CA THR B 314 16.67 25.91 30.44
C THR B 314 16.00 26.79 29.38
N VAL B 315 15.70 26.20 28.23
CA VAL B 315 14.85 26.82 27.17
C VAL B 315 13.65 25.90 26.92
N GLY B 316 12.52 26.49 26.50
CA GLY B 316 11.26 25.76 26.18
C GLY B 316 10.67 26.22 24.86
N TRP B 317 9.51 25.70 24.48
CA TRP B 317 8.73 26.13 23.30
C TRP B 317 7.88 27.36 23.64
N ASP B 318 7.78 27.68 24.94
CA ASP B 318 7.18 28.95 25.45
C ASP B 318 8.11 30.14 25.13
N HIS B 319 9.32 29.87 24.63
CA HIS B 319 10.30 30.90 24.17
C HIS B 319 10.93 31.63 25.36
N GLN B 320 10.81 31.05 26.56
CA GLN B 320 11.49 31.55 27.79
C GLN B 320 12.91 30.99 27.82
N VAL B 321 13.88 31.80 28.25
CA VAL B 321 15.25 31.37 28.63
C VAL B 321 15.38 31.58 30.15
N VAL B 322 14.99 30.57 30.93
CA VAL B 322 14.94 30.65 32.43
C VAL B 322 16.31 30.25 32.97
N HIS B 323 16.95 31.15 33.72
CA HIS B 323 18.20 30.91 34.49
C HIS B 323 17.81 30.48 35.91
N HIS B 324 18.00 29.21 36.23
CA HIS B 324 17.72 28.61 37.57
C HIS B 324 18.99 28.69 38.42
N VAL B 325 18.83 28.94 39.72
CA VAL B 325 19.92 28.87 40.74
C VAL B 325 19.63 27.64 41.61
N VAL B 326 20.38 26.56 41.39
CA VAL B 326 20.21 25.26 42.10
C VAL B 326 20.71 25.45 43.53
N PRO B 327 19.99 24.93 44.55
CA PRO B 327 20.38 25.11 45.96
C PRO B 327 21.76 24.51 46.31
N THR B 328 22.12 23.39 45.68
CA THR B 328 23.46 22.72 45.75
C THR B 328 24.06 22.86 47.16
N1 A1A79 C . -31.68 -17.96 -29.24
N3 A1A79 C . -34.72 -20.48 -30.13
C4 A1A79 C . -26.03 -15.59 -31.57
C5 A1A79 C . -26.36 -15.64 -30.22
C6 A1A79 C . -25.72 -14.79 -29.33
C7 A1A79 C . -27.40 -16.63 -29.74
C8 A1A79 C . -28.74 -16.40 -30.45
C10 A1A79 C . -30.77 -15.63 -29.35
C13 A1A79 C . -33.12 -19.57 -28.67
C15 A1A79 C . -31.41 -18.30 -27.94
C17 A1A79 C . -34.17 -20.47 -28.92
C1 A1A79 C . -24.78 -13.89 -29.80
C2 A1A79 C . -24.45 -13.82 -31.13
C3 A1A79 C . -25.09 -14.67 -32.02
CL1 A1A79 C . -24.01 -12.82 -28.69
CL2 A1A79 C . -23.26 -12.67 -31.67
O1 A1A79 C . -27.59 -16.60 -28.32
C9 A1A79 C . -29.53 -15.09 -30.12
C11 A1A79 C . -30.96 -16.99 -30.05
O2 A1A79 C . -29.62 -17.50 -30.14
O3 A1A79 C . -31.92 -14.80 -29.49
C12 A1A79 C . -32.71 -18.73 -29.72
C14 A1A79 C . -32.26 -19.25 -27.53
N2 A1A79 C . -33.32 -18.80 -30.91
C16 A1A79 C . -34.30 -19.67 -31.09
N4 A1A79 C . -34.61 -21.33 -27.95
C18 A1A79 C . -28.86 -14.02 -29.24
O4 A1A79 C . -29.85 -14.46 -31.36
C1 EDO D . -21.54 -13.98 -24.64
O1 EDO D . -22.04 -15.12 -25.30
C2 EDO D . -21.63 -14.07 -23.16
O2 EDO D . -20.38 -13.98 -22.47
C1 EDO E . -4.49 -7.78 15.65
O1 EDO E . -3.71 -8.27 16.74
C2 EDO E . -4.98 -6.39 15.85
O2 EDO E . -4.51 -5.44 14.90
C1 EDO F . -21.17 -19.41 -28.85
O1 EDO F . -20.12 -20.36 -28.70
C2 EDO F . -20.68 -18.13 -29.42
O2 EDO F . -21.59 -17.02 -29.36
C1 EDO G . -8.14 27.77 -0.03
O1 EDO G . -9.03 26.70 -0.33
C2 EDO G . -8.32 28.98 -0.90
O2 EDO G . -9.49 29.74 -0.63
#